data_9D7W
#
_entry.id   9D7W
#
_cell.length_a   1.00
_cell.length_b   1.00
_cell.length_c   1.00
_cell.angle_alpha   90.00
_cell.angle_beta   90.00
_cell.angle_gamma   90.00
#
_symmetry.space_group_name_H-M   'P 1'
#
loop_
_entity.id
_entity.type
_entity.pdbx_description
1 polymer 'Green fluorescence protein,MFS-type transporter SLC18B1,membrane protein with TBZ'
2 non-polymer tetrabenazine
3 water water
#
_entity_poly.entity_id   1
_entity_poly.type   'polypeptide(L)'
_entity_poly.pdbx_seq_one_letter_code
;VSKGEELFTGVVPILVELDGDVNGHKFSVSGEGEGDATYGKLTLKLICTTGKLPVPWPTLVTTLGYGLQCFARYPDHMKQ
HDFFKSAMPEGYVQERTIFFKDDGNYKTRAEVKFEGDTLVNRIELKGIDFKEDGNILGHKLEYNYNSHNVYITADKQKNG
IKANFKIRHNIEDGGVQLADHYQQNTPIGDGPVLLPDNHYLSYQSKLSKDPNEKRDHMVLLEFVTAAGITTPGWLSREQV
FVLISAASVNLGSMMCYSILGPFFPKEAEKKGASNTIIGMIFGCFALFELLASLVFGNYLVHIGAKFMFVAGMFVSGGVT
ILFGVLDRVPDGPVFIAMCFLVRVMDAVSFAAAMTASSSILAKAFPNNVATVLGSLETFSGLGLILGPPVGGFLYQSFGY
EVPFIVLGCVVLLMVPLNMYILPNYESDPGEHSFWKLIALPKVGLIAFVINSLSSCFGFLDPTLSLFVLEKFNLPAGYVG
LVFLGMALSYAISSPLFGLLSDKRPPLRKWLLVFGNLITAGCYMLLGPVPILHIKSQLWLLVLILVVSGLSAGMSIIPTF
PEILSCAHENGFEEGLSTLGLVSGLFSAMWSIGAFMGPTLGGFLYEKIGFEWAAAIQGLWALISGLAMGLFYLLEYSQVQ
LVESGGALVQPGGSLRLSCAASGFPVNRYSMRWYRQAPGKEREWVAGMSSAGDRSSYEDSVKGRFTISRDDARNTVYLQM
NSLKPEDTAVYYCNVNVGFEYWGQGTQVTVS
;
_entity_poly.pdbx_strand_id   A
#
loop_
_chem_comp.id
_chem_comp.type
_chem_comp.name
_chem_comp.formula
YHL non-polymer tetrabenazine 'C19 H27 N O3'
#
# COMPACT_ATOMS: atom_id res chain seq x y z
N VAL A 1 0.82 -5.51 26.50
CA VAL A 1 1.29 -4.14 26.33
C VAL A 1 2.11 -3.73 27.55
N SER A 2 3.30 -3.18 27.29
CA SER A 2 4.23 -2.80 28.33
C SER A 2 4.38 -1.27 28.39
N LYS A 3 5.16 -0.82 29.38
CA LYS A 3 5.37 0.61 29.56
C LYS A 3 6.35 1.15 28.54
N GLY A 4 7.26 0.32 28.04
CA GLY A 4 8.26 0.80 27.10
C GLY A 4 7.74 0.93 25.68
N GLU A 5 6.52 0.45 25.43
CA GLU A 5 5.88 0.65 24.13
C GLU A 5 5.62 2.13 23.86
N GLU A 6 5.27 2.89 24.91
CA GLU A 6 4.89 4.28 24.76
C GLU A 6 6.09 5.16 24.40
N LEU A 7 7.30 4.72 24.73
CA LEU A 7 8.50 5.47 24.40
C LEU A 7 8.78 5.49 22.90
N PHE A 8 8.37 4.47 22.17
CA PHE A 8 8.71 4.29 20.76
C PHE A 8 7.58 4.70 19.82
N THR A 9 6.84 5.75 20.17
CA THR A 9 5.82 6.31 19.27
C THR A 9 6.35 7.55 18.56
N GLY A 10 7.40 7.35 17.76
CA GLY A 10 8.02 8.47 17.07
C GLY A 10 9.33 8.09 16.42
N VAL A 11 10.20 9.09 16.26
CA VAL A 11 11.52 8.92 15.66
C VAL A 11 12.56 8.98 16.77
N VAL A 12 13.54 8.08 16.72
CA VAL A 12 14.53 7.91 17.77
C VAL A 12 15.90 8.17 17.17
N PRO A 13 16.70 9.10 17.73
CA PRO A 13 18.07 9.29 17.23
C PRO A 13 19.04 8.33 17.91
N ILE A 14 19.77 7.55 17.11
CA ILE A 14 20.53 6.41 17.60
C ILE A 14 22.00 6.56 17.26
N LEU A 15 22.86 6.09 18.16
CA LEU A 15 24.31 6.20 18.06
C LEU A 15 24.93 4.85 18.39
N VAL A 16 25.91 4.43 17.58
CA VAL A 16 26.47 3.09 17.63
C VAL A 16 27.99 3.19 17.68
N GLU A 17 28.63 2.44 18.58
CA GLU A 17 30.08 2.32 18.62
C GLU A 17 30.49 0.86 18.65
N LEU A 18 31.62 0.55 17.99
CA LEU A 18 32.18 -0.80 18.00
C LEU A 18 33.70 -0.72 18.06
N ASP A 19 34.29 -1.66 18.80
CA ASP A 19 35.73 -1.84 18.90
C ASP A 19 35.97 -3.34 18.86
N GLY A 20 36.83 -3.80 17.95
CA GLY A 20 37.08 -5.23 17.83
C GLY A 20 38.44 -5.54 17.27
N ASP A 21 38.84 -6.80 17.40
CA ASP A 21 40.08 -7.29 16.82
C ASP A 21 39.84 -8.54 15.98
N VAL A 22 40.62 -8.65 14.90
CA VAL A 22 40.61 -9.81 14.02
C VAL A 22 42.07 -10.15 13.74
N ASN A 23 42.55 -11.22 14.40
CA ASN A 23 43.91 -11.76 14.26
C ASN A 23 44.99 -10.71 14.53
N GLY A 24 44.72 -9.81 15.48
CA GLY A 24 45.62 -8.76 15.83
C GLY A 24 45.32 -7.42 15.18
N HIS A 25 44.55 -7.41 14.09
CA HIS A 25 44.17 -6.17 13.43
C HIS A 25 42.97 -5.57 14.15
N LYS A 26 43.14 -4.39 14.73
CA LYS A 26 42.10 -3.77 15.55
C LYS A 26 41.41 -2.66 14.76
N PHE A 27 40.09 -2.56 14.94
CA PHE A 27 39.31 -1.51 14.31
C PHE A 27 38.26 -0.98 15.28
N SER A 28 37.82 0.25 15.01
CA SER A 28 36.78 0.92 15.79
C SER A 28 35.92 1.72 14.83
N VAL A 29 34.61 1.47 14.85
CA VAL A 29 33.69 2.15 13.94
C VAL A 29 32.61 2.85 14.76
N SER A 30 32.12 3.98 14.23
CA SER A 30 31.17 4.83 14.92
C SER A 30 30.09 5.28 13.95
N GLY A 31 28.85 5.33 14.40
CA GLY A 31 27.76 5.63 13.50
C GLY A 31 26.59 6.32 14.16
N GLU A 32 25.79 6.97 13.32
CA GLU A 32 24.62 7.72 13.77
C GLU A 32 23.47 7.53 12.80
N GLY A 33 22.26 7.71 13.29
CA GLY A 33 21.11 7.61 12.42
C GLY A 33 19.80 7.69 13.17
N GLU A 34 18.75 7.13 12.56
CA GLU A 34 17.40 7.22 13.11
C GLU A 34 16.68 5.87 13.05
N GLY A 35 15.70 5.74 13.92
CA GLY A 35 14.84 4.55 13.93
C GLY A 35 13.39 4.93 14.14
N ASP A 36 12.51 4.08 13.63
CA ASP A 36 11.07 4.31 13.68
C ASP A 36 10.37 2.97 13.86
N ALA A 37 9.69 2.79 14.97
CA ALA A 37 9.08 1.51 15.32
C ALA A 37 7.62 1.40 14.89
N THR A 38 7.03 2.46 14.34
CA THR A 38 5.65 2.39 13.87
C THR A 38 5.56 1.54 12.60
N TYR A 39 6.58 1.60 11.76
CA TYR A 39 6.62 0.85 10.51
C TYR A 39 7.79 -0.11 10.39
N GLY A 40 8.71 -0.13 11.36
CA GLY A 40 9.89 -0.95 11.25
C GLY A 40 10.90 -0.39 10.27
N LYS A 41 11.48 0.75 10.60
CA LYS A 41 12.46 1.42 9.73
C LYS A 41 13.71 1.75 10.53
N LEU A 42 14.87 1.40 9.99
CA LEU A 42 16.14 1.77 10.58
C LEU A 42 17.03 2.34 9.49
N THR A 43 17.66 3.48 9.76
CA THR A 43 18.59 4.08 8.80
C THR A 43 19.82 4.55 9.55
N LEU A 44 20.98 3.98 9.19
CA LEU A 44 22.25 4.30 9.83
C LEU A 44 23.27 4.74 8.81
N LYS A 45 24.12 5.68 9.21
CA LYS A 45 25.34 6.03 8.49
C LYS A 45 26.51 5.71 9.41
N LEU A 46 27.46 4.93 8.91
CA LEU A 46 28.44 4.25 9.72
C LEU A 46 29.82 4.56 9.15
N ILE A 47 30.71 5.13 9.97
CA ILE A 47 32.00 5.62 9.51
C ILE A 47 33.09 5.03 10.40
N CYS A 48 34.15 4.54 9.78
CA CYS A 48 35.31 4.10 10.53
C CYS A 48 36.18 5.28 10.94
N THR A 49 36.92 5.10 12.03
CA THR A 49 37.83 6.12 12.53
C THR A 49 39.27 5.62 12.53
N THR A 50 39.46 4.31 12.65
CA THR A 50 40.81 3.76 12.69
C THR A 50 41.44 3.76 11.29
N GLY A 51 40.64 3.46 10.26
CA GLY A 51 41.16 3.47 8.91
C GLY A 51 40.54 2.43 8.00
N LYS A 52 41.38 1.64 7.34
CA LYS A 52 40.91 0.57 6.47
C LYS A 52 40.33 -0.58 7.29
N LEU A 53 39.25 -1.16 6.79
CA LEU A 53 38.68 -2.38 7.35
C LEU A 53 39.26 -3.58 6.64
N PRO A 54 40.06 -4.42 7.31
CA PRO A 54 40.46 -5.70 6.70
C PRO A 54 39.32 -6.68 6.54
N VAL A 55 38.22 -6.51 7.28
CA VAL A 55 37.06 -7.37 7.17
C VAL A 55 35.99 -6.63 6.37
N PRO A 56 35.17 -7.32 5.57
CA PRO A 56 34.16 -6.63 4.78
C PRO A 56 33.02 -6.08 5.62
N TRP A 57 32.39 -5.02 5.10
CA TRP A 57 31.17 -4.47 5.70
C TRP A 57 29.98 -5.42 5.82
N PRO A 58 29.67 -6.32 4.85
CA PRO A 58 28.56 -7.27 5.10
C PRO A 58 28.76 -8.20 6.28
N THR A 59 29.99 -8.43 6.72
CA THR A 59 30.20 -9.14 7.98
C THR A 59 29.75 -8.32 9.17
N LEU A 60 29.83 -6.99 9.06
CA LEU A 60 29.45 -6.12 10.16
C LEU A 60 28.00 -5.63 10.08
N VAL A 61 27.30 -5.90 8.98
CA VAL A 61 25.87 -5.58 8.90
C VAL A 61 25.09 -6.40 9.93
N THR A 62 25.44 -7.68 10.06
CA THR A 62 24.75 -8.55 11.02
C THR A 62 25.06 -8.19 12.46
N THR A 63 26.09 -7.38 12.71
CA THR A 63 26.41 -6.98 14.07
C THR A 63 25.82 -5.62 14.39
N LEU A 64 25.92 -4.67 13.46
CA LEU A 64 25.42 -3.34 13.76
C LEU A 64 23.94 -3.20 13.39
N GLY A 65 23.53 -3.77 12.24
CA GLY A 65 22.16 -3.60 11.80
C GLY A 65 21.19 -4.51 12.52
N TYR A 66 21.65 -5.66 12.97
CA TYR A 66 20.82 -6.54 13.78
C TYR A 66 21.02 -6.26 15.27
N GLY A 67 21.89 -5.31 15.60
CA GLY A 67 22.15 -4.94 16.98
C GLY A 67 21.09 -4.07 17.61
N LEU A 68 20.14 -3.58 16.81
CA LEU A 68 19.01 -2.79 17.31
C LEU A 68 17.74 -3.47 16.80
N GLN A 69 17.26 -4.46 17.56
CA GLN A 69 16.03 -5.17 17.22
C GLN A 69 14.81 -4.57 17.91
N CYS A 70 14.95 -3.42 18.56
CA CYS A 70 13.83 -2.83 19.27
C CYS A 70 12.89 -2.06 18.34
N PHE A 71 13.31 -1.78 17.11
CA PHE A 71 12.47 -1.07 16.16
C PHE A 71 11.66 -2.03 15.29
N ALA A 72 11.34 -3.19 15.82
CA ALA A 72 10.51 -4.17 15.15
C ALA A 72 9.05 -3.79 15.31
N ARG A 73 8.32 -3.71 14.21
CA ARG A 73 6.88 -3.55 14.31
C ARG A 73 6.27 -4.90 14.67
N TYR A 74 5.44 -4.92 15.69
CA TYR A 74 4.71 -6.12 16.06
C TYR A 74 3.24 -5.90 15.74
N PRO A 75 2.54 -6.83 15.11
CA PRO A 75 1.09 -6.70 14.98
C PRO A 75 0.39 -6.93 16.32
N ASP A 76 -0.94 -6.76 16.30
CA ASP A 76 -1.68 -6.56 17.54
C ASP A 76 -1.75 -7.82 18.41
N HIS A 77 -1.55 -8.99 17.81
CA HIS A 77 -1.44 -10.23 18.54
C HIS A 77 0.00 -10.58 18.89
N MET A 78 0.96 -9.70 18.58
CA MET A 78 2.35 -9.87 18.95
C MET A 78 2.88 -8.85 19.95
N LYS A 79 2.04 -7.91 20.41
CA LYS A 79 2.49 -6.99 21.45
C LYS A 79 2.68 -7.70 22.79
N GLN A 80 2.01 -8.83 22.99
CA GLN A 80 2.24 -9.67 24.15
C GLN A 80 3.61 -10.33 24.13
N HIS A 81 4.26 -10.45 22.98
CA HIS A 81 5.54 -11.13 22.84
C HIS A 81 6.72 -10.17 22.72
N ASP A 82 6.50 -8.88 22.93
CA ASP A 82 7.58 -7.90 22.81
C ASP A 82 8.48 -8.00 24.02
N PHE A 83 9.78 -8.17 23.78
CA PHE A 83 10.78 -8.23 24.83
C PHE A 83 11.72 -7.03 24.80
N PHE A 84 11.94 -6.47 23.62
CA PHE A 84 13.00 -5.49 23.44
C PHE A 84 12.61 -4.13 24.01
N LYS A 85 11.38 -3.70 23.80
CA LYS A 85 10.88 -2.48 24.42
C LYS A 85 10.51 -2.69 25.89
N SER A 86 10.47 -3.95 26.35
CA SER A 86 10.12 -4.21 27.75
C SER A 86 11.22 -3.77 28.70
N ALA A 87 12.49 -3.94 28.32
CA ALA A 87 13.61 -3.63 29.20
C ALA A 87 14.41 -2.43 28.71
N MET A 88 13.85 -1.66 27.80
CA MET A 88 14.55 -0.54 27.17
C MET A 88 14.78 0.72 28.02
N PRO A 89 13.89 1.12 28.95
CA PRO A 89 14.27 2.26 29.84
C PRO A 89 15.50 2.05 30.70
N GLU A 90 15.96 0.81 30.91
CA GLU A 90 17.25 0.58 31.55
C GLU A 90 18.28 0.01 30.59
N GLY A 91 17.98 -1.12 29.95
CA GLY A 91 18.87 -1.67 28.95
C GLY A 91 19.04 -3.17 29.00
N TYR A 92 19.63 -3.75 27.94
CA TYR A 92 19.83 -5.19 27.88
C TYR A 92 21.19 -5.53 27.30
N VAL A 93 21.56 -6.80 27.42
CA VAL A 93 22.82 -7.33 26.94
C VAL A 93 22.52 -8.46 25.95
N GLN A 94 23.31 -8.52 24.89
CA GLN A 94 23.11 -9.44 23.79
C GLN A 94 24.45 -10.05 23.42
N GLU A 95 24.55 -11.36 23.55
CA GLU A 95 25.78 -12.08 23.24
C GLU A 95 25.55 -12.94 22.02
N ARG A 96 26.45 -12.83 21.04
CA ARG A 96 26.27 -13.48 19.75
C ARG A 96 27.51 -14.29 19.40
N THR A 97 27.30 -15.49 18.89
CA THR A 97 28.38 -16.32 18.37
C THR A 97 28.08 -16.64 16.92
N ILE A 98 29.04 -16.34 16.04
CA ILE A 98 28.87 -16.45 14.59
C ILE A 98 29.89 -17.45 14.08
N PHE A 99 29.41 -18.50 13.43
CA PHE A 99 30.25 -19.53 12.82
C PHE A 99 30.19 -19.35 11.31
N PHE A 100 31.29 -18.85 10.73
CA PHE A 100 31.41 -18.83 9.29
C PHE A 100 31.82 -20.22 8.82
N LYS A 101 31.19 -20.70 7.76
CA LYS A 101 31.45 -22.06 7.32
C LYS A 101 32.82 -22.16 6.65
N ASP A 102 33.61 -23.16 7.07
CA ASP A 102 34.94 -23.46 6.57
C ASP A 102 35.91 -22.30 6.77
N ASP A 103 35.70 -21.55 7.86
CA ASP A 103 36.54 -20.41 8.22
C ASP A 103 36.32 -20.21 9.74
N GLY A 104 36.80 -19.09 10.28
CA GLY A 104 36.79 -18.89 11.71
C GLY A 104 35.48 -18.35 12.24
N ASN A 105 35.56 -17.78 13.46
CA ASN A 105 34.39 -17.46 14.27
C ASN A 105 34.45 -16.03 14.79
N TYR A 106 33.27 -15.41 14.91
CA TYR A 106 33.08 -14.18 15.67
C TYR A 106 32.41 -14.45 17.01
N LYS A 107 32.81 -13.69 18.02
CA LYS A 107 32.10 -13.63 19.30
C LYS A 107 31.93 -12.17 19.68
N THR A 108 30.67 -11.74 19.88
CA THR A 108 30.39 -10.36 20.21
C THR A 108 29.62 -10.27 21.52
N ARG A 109 29.99 -9.30 22.34
CA ARG A 109 29.19 -8.83 23.46
C ARG A 109 28.69 -7.43 23.15
N ALA A 110 27.39 -7.22 23.23
CA ALA A 110 26.82 -5.90 22.97
C ALA A 110 25.88 -5.52 24.11
N GLU A 111 25.86 -4.23 24.42
CA GLU A 111 24.87 -3.70 25.36
C GLU A 111 24.11 -2.57 24.69
N VAL A 112 22.79 -2.62 24.81
CA VAL A 112 21.90 -1.62 24.23
C VAL A 112 21.18 -0.93 25.38
N LYS A 113 21.49 0.36 25.55
CA LYS A 113 20.97 1.16 26.65
C LYS A 113 20.36 2.43 26.08
N PHE A 114 19.68 3.19 26.94
CA PHE A 114 18.92 4.36 26.50
C PHE A 114 19.41 5.56 27.31
N GLU A 115 20.38 6.29 26.76
CA GLU A 115 21.05 7.36 27.49
C GLU A 115 20.50 8.70 27.01
N GLY A 116 19.88 9.43 27.92
CA GLY A 116 19.22 10.68 27.56
C GLY A 116 18.10 10.44 26.58
N ASP A 117 18.10 11.22 25.51
CA ASP A 117 17.19 10.95 24.40
C ASP A 117 17.73 9.79 23.57
N THR A 118 19.06 9.68 23.45
CA THR A 118 19.66 8.81 22.46
C THR A 118 19.64 7.34 22.89
N LEU A 119 19.72 6.47 21.90
CA LEU A 119 19.84 5.03 22.10
C LEU A 119 21.27 4.63 21.78
N VAL A 120 21.95 3.99 22.73
CA VAL A 120 23.37 3.72 22.58
C VAL A 120 23.58 2.20 22.54
N ASN A 121 24.55 1.78 21.72
CA ASN A 121 24.84 0.38 21.50
C ASN A 121 26.35 0.25 21.47
N ARG A 122 26.91 -0.49 22.42
CA ARG A 122 28.35 -0.71 22.49
C ARG A 122 28.65 -2.18 22.25
N ILE A 123 29.61 -2.46 21.35
CA ILE A 123 29.87 -3.81 20.85
C ILE A 123 31.36 -4.11 20.95
N GLU A 124 31.70 -5.28 21.50
CA GLU A 124 33.05 -5.81 21.45
C GLU A 124 33.08 -7.13 20.69
N LEU A 125 34.07 -7.26 19.79
CA LEU A 125 34.21 -8.32 18.81
C LEU A 125 35.54 -9.06 18.96
N LYS A 126 35.49 -10.39 18.87
CA LYS A 126 36.69 -11.21 18.82
C LYS A 126 36.60 -12.15 17.62
N GLY A 127 37.69 -12.27 16.88
CA GLY A 127 37.72 -13.06 15.66
C GLY A 127 38.81 -14.12 15.65
N ILE A 128 38.45 -15.37 15.35
CA ILE A 128 39.31 -16.51 15.59
C ILE A 128 39.46 -17.32 14.31
N ASP A 129 40.71 -17.62 13.94
CA ASP A 129 41.10 -18.56 12.88
C ASP A 129 40.61 -18.14 11.49
N PHE A 130 41.01 -16.96 11.04
CA PHE A 130 40.75 -16.55 9.65
C PHE A 130 41.96 -16.82 8.79
N LYS A 131 41.71 -17.47 7.65
CA LYS A 131 42.74 -17.70 6.65
C LYS A 131 43.05 -16.40 5.91
N GLU A 132 44.28 -16.31 5.39
CA GLU A 132 44.65 -15.13 4.62
C GLU A 132 44.03 -15.13 3.23
N ASP A 133 43.90 -16.30 2.61
CA ASP A 133 43.29 -16.43 1.28
C ASP A 133 41.84 -16.86 1.37
N GLY A 134 41.12 -16.38 2.39
CA GLY A 134 39.72 -16.68 2.56
C GLY A 134 38.82 -15.61 1.94
N ASN A 135 37.51 -15.85 2.08
CA ASN A 135 36.53 -14.90 1.56
C ASN A 135 36.47 -13.64 2.42
N ILE A 136 36.82 -13.74 3.69
CA ILE A 136 36.71 -12.59 4.59
C ILE A 136 37.97 -11.72 4.48
N LEU A 137 39.13 -12.29 4.79
CA LEU A 137 40.34 -11.49 4.85
C LEU A 137 40.87 -11.11 3.47
N GLY A 138 40.48 -11.84 2.44
CA GLY A 138 40.88 -11.53 1.08
C GLY A 138 40.00 -10.55 0.34
N HIS A 139 38.98 -9.99 1.01
CA HIS A 139 38.02 -9.04 0.44
C HIS A 139 37.31 -9.62 -0.79
N LYS A 140 36.57 -10.70 -0.57
CA LYS A 140 35.90 -11.41 -1.66
C LYS A 140 34.38 -11.43 -1.52
N LEU A 141 33.79 -10.50 -0.77
CA LEU A 141 32.34 -10.46 -0.60
C LEU A 141 31.75 -9.28 -1.37
N GLU A 142 30.64 -9.55 -2.06
CA GLU A 142 29.93 -8.54 -2.83
C GLU A 142 29.30 -7.50 -1.91
N TYR A 143 29.06 -6.31 -2.46
CA TYR A 143 28.63 -5.19 -1.65
C TYR A 143 27.11 -5.00 -1.77
N ASN A 144 26.40 -6.03 -1.33
CA ASN A 144 24.95 -6.05 -1.21
C ASN A 144 24.59 -7.09 -0.16
N TYR A 145 23.34 -7.07 0.30
CA TYR A 145 22.97 -7.92 1.43
C TYR A 145 21.55 -8.44 1.22
N ASN A 146 21.26 -9.60 1.79
CA ASN A 146 20.05 -10.34 1.50
C ASN A 146 19.00 -10.24 2.61
N SER A 147 17.79 -10.66 2.27
CA SER A 147 16.69 -10.70 3.23
C SER A 147 16.70 -12.01 4.00
N HIS A 148 16.26 -11.97 5.25
CA HIS A 148 16.46 -13.10 6.13
C HIS A 148 15.31 -13.26 7.12
N ASN A 149 15.32 -14.37 7.84
CA ASN A 149 14.40 -14.67 8.93
C ASN A 149 15.22 -14.98 10.17
N VAL A 150 14.77 -14.46 11.32
CA VAL A 150 15.43 -14.67 12.61
C VAL A 150 14.42 -15.34 13.54
N TYR A 151 14.79 -16.48 14.13
CA TYR A 151 13.84 -17.26 14.92
C TYR A 151 14.15 -17.12 16.41
N ILE A 152 13.15 -16.74 17.20
CA ILE A 152 13.30 -16.52 18.63
C ILE A 152 12.44 -17.50 19.42
N THR A 153 13.07 -18.19 20.37
CA THR A 153 12.42 -18.95 21.44
C THR A 153 12.76 -18.31 22.78
N ALA A 154 12.04 -18.71 23.81
CA ALA A 154 12.20 -18.11 25.13
C ALA A 154 13.27 -18.85 25.94
N ASP A 155 13.60 -18.28 27.11
CA ASP A 155 14.55 -18.92 28.02
C ASP A 155 14.17 -18.48 29.44
N LYS A 156 13.54 -19.38 30.18
CA LYS A 156 13.09 -19.05 31.53
C LYS A 156 14.25 -19.07 32.52
N GLN A 157 15.29 -19.86 32.25
CA GLN A 157 16.40 -20.01 33.18
C GLN A 157 17.23 -18.75 33.33
N LYS A 158 17.23 -17.88 32.32
CA LYS A 158 17.91 -16.59 32.42
C LYS A 158 16.95 -15.42 32.21
N ASN A 159 15.64 -15.69 32.27
CA ASN A 159 14.52 -14.80 31.90
C ASN A 159 14.81 -13.92 30.68
N GLY A 160 15.29 -14.57 29.62
CA GLY A 160 15.61 -13.87 28.39
C GLY A 160 15.15 -14.61 27.16
N ILE A 161 15.75 -14.31 26.01
CA ILE A 161 15.38 -14.99 24.76
C ILE A 161 16.63 -15.52 24.07
N LYS A 162 16.41 -16.50 23.19
CA LYS A 162 17.48 -17.11 22.42
C LYS A 162 17.05 -17.19 20.97
N ALA A 163 17.94 -16.75 20.06
CA ALA A 163 17.59 -16.69 18.65
C ALA A 163 18.63 -17.43 17.81
N ASN A 164 18.14 -18.09 16.77
CA ASN A 164 18.97 -18.76 15.78
C ASN A 164 18.61 -18.22 14.40
N PHE A 165 19.63 -18.05 13.55
CA PHE A 165 19.40 -17.81 12.12
C PHE A 165 20.67 -18.08 11.33
N LYS A 166 20.55 -17.92 10.02
CA LYS A 166 21.66 -18.05 9.06
C LYS A 166 21.66 -16.83 8.16
N ILE A 167 22.86 -16.47 7.70
CA ILE A 167 23.05 -15.36 6.77
C ILE A 167 23.83 -15.89 5.57
N ARG A 168 23.29 -15.68 4.38
CA ARG A 168 23.96 -16.07 3.14
C ARG A 168 24.55 -14.82 2.50
N HIS A 169 25.87 -14.67 2.60
CA HIS A 169 26.56 -13.60 1.90
C HIS A 169 26.90 -14.06 0.50
N ASN A 170 27.01 -13.10 -0.42
CA ASN A 170 27.37 -13.38 -1.80
C ASN A 170 28.86 -13.10 -1.99
N ILE A 171 29.55 -14.02 -2.67
CA ILE A 171 30.95 -13.77 -3.01
C ILE A 171 31.02 -13.37 -4.47
N GLU A 172 32.16 -12.78 -4.85
CA GLU A 172 32.31 -12.24 -6.19
C GLU A 172 32.53 -13.36 -7.21
N ASP A 173 33.09 -14.48 -6.77
CA ASP A 173 33.40 -15.59 -7.68
C ASP A 173 32.17 -16.36 -8.13
N GLY A 174 31.00 -16.10 -7.52
CA GLY A 174 29.76 -16.69 -7.97
C GLY A 174 29.03 -17.40 -6.84
N GLY A 175 29.80 -17.91 -5.88
CA GLY A 175 29.23 -18.72 -4.82
C GLY A 175 28.58 -17.92 -3.71
N VAL A 176 28.36 -18.58 -2.56
CA VAL A 176 27.86 -17.93 -1.36
C VAL A 176 28.76 -18.34 -0.20
N GLN A 177 28.68 -17.58 0.88
CA GLN A 177 29.28 -17.94 2.16
C GLN A 177 28.21 -17.95 3.24
N LEU A 178 28.18 -19.02 4.01
CA LEU A 178 27.20 -19.20 5.08
C LEU A 178 27.76 -18.72 6.40
N ALA A 179 26.96 -17.99 7.15
CA ALA A 179 27.32 -17.55 8.50
C ALA A 179 26.17 -17.89 9.43
N ASP A 180 26.41 -18.82 10.34
CA ASP A 180 25.38 -19.27 11.27
C ASP A 180 25.47 -18.45 12.56
N HIS A 181 24.35 -17.89 12.99
CA HIS A 181 24.30 -16.98 14.14
C HIS A 181 23.44 -17.56 15.25
N TYR A 182 24.02 -17.58 16.46
CA TYR A 182 23.34 -17.96 17.69
C TYR A 182 23.46 -16.81 18.69
N GLN A 183 22.34 -16.23 19.11
CA GLN A 183 22.42 -15.14 20.08
C GLN A 183 21.55 -15.41 21.30
N GLN A 184 21.90 -14.75 22.40
CA GLN A 184 21.21 -14.82 23.67
C GLN A 184 21.06 -13.42 24.26
N ASN A 185 19.85 -13.09 24.72
CA ASN A 185 19.50 -11.72 25.10
C ASN A 185 18.90 -11.74 26.50
N THR A 186 19.39 -10.84 27.36
CA THR A 186 19.14 -10.85 28.80
C THR A 186 19.04 -9.43 29.32
N PRO A 187 18.05 -9.13 30.18
CA PRO A 187 17.95 -7.79 30.77
C PRO A 187 18.90 -7.60 31.96
N ILE A 188 19.07 -6.33 32.33
CA ILE A 188 20.00 -5.95 33.39
C ILE A 188 19.26 -5.31 34.55
N GLY A 189 18.18 -4.59 34.26
CA GLY A 189 17.61 -3.68 35.25
C GLY A 189 16.27 -4.04 35.85
N ASP A 190 16.01 -5.34 36.02
CA ASP A 190 14.90 -5.90 36.80
C ASP A 190 13.52 -5.48 36.29
N GLY A 191 13.40 -5.07 35.04
CA GLY A 191 12.12 -4.66 34.49
C GLY A 191 11.21 -5.85 34.26
N PRO A 192 9.90 -5.63 34.31
CA PRO A 192 8.98 -6.72 33.97
C PRO A 192 9.00 -7.00 32.47
N VAL A 193 9.70 -8.06 32.09
CA VAL A 193 9.92 -8.38 30.69
C VAL A 193 8.97 -9.50 30.28
N LEU A 194 8.52 -9.46 29.05
CA LEU A 194 7.53 -10.42 28.55
C LEU A 194 8.28 -11.61 27.95
N LEU A 195 8.24 -12.73 28.64
CA LEU A 195 8.83 -13.95 28.10
C LEU A 195 7.90 -14.49 27.01
N PRO A 196 8.34 -14.56 25.76
CA PRO A 196 7.40 -14.80 24.66
C PRO A 196 7.18 -16.27 24.35
N ASP A 197 6.40 -16.51 23.31
CA ASP A 197 6.31 -17.83 22.68
C ASP A 197 7.28 -17.89 21.52
N ASN A 198 7.25 -19.02 20.80
CA ASN A 198 8.09 -19.17 19.62
C ASN A 198 7.58 -18.27 18.50
N HIS A 199 8.46 -17.42 17.97
CA HIS A 199 8.05 -16.56 16.85
C HIS A 199 9.28 -16.23 16.00
N TYR A 200 9.09 -15.43 14.96
CA TYR A 200 10.19 -15.10 14.07
C TYR A 200 9.99 -13.69 13.51
N LEU A 201 11.07 -13.14 13.00
CA LEU A 201 11.10 -11.81 12.40
C LEU A 201 11.64 -11.90 10.98
N SER A 202 11.06 -11.11 10.08
CA SER A 202 11.48 -11.02 8.69
C SER A 202 12.20 -9.70 8.48
N TYR A 203 13.40 -9.77 7.93
CA TYR A 203 14.27 -8.62 7.71
C TYR A 203 14.47 -8.43 6.21
N GLN A 204 14.06 -7.26 5.71
CA GLN A 204 14.51 -6.78 4.42
C GLN A 204 15.61 -5.75 4.68
N SER A 205 16.64 -5.75 3.84
CA SER A 205 17.80 -4.91 4.06
C SER A 205 18.26 -4.29 2.76
N LYS A 206 18.93 -3.15 2.88
CA LYS A 206 19.45 -2.42 1.73
C LYS A 206 20.72 -1.69 2.16
N LEU A 207 21.69 -1.64 1.27
CA LEU A 207 23.03 -1.21 1.60
C LEU A 207 23.57 -0.31 0.49
N SER A 208 24.12 0.83 0.87
CA SER A 208 24.50 1.83 -0.12
C SER A 208 25.62 2.72 0.44
N LYS A 209 25.97 3.75 -0.32
CA LYS A 209 27.00 4.71 0.06
C LYS A 209 26.52 6.14 -0.12
N ASP A 210 27.02 7.01 0.75
CA ASP A 210 26.84 8.45 0.60
C ASP A 210 27.91 8.96 -0.36
N PRO A 211 27.54 9.56 -1.52
CA PRO A 211 28.57 9.88 -2.52
C PRO A 211 29.45 11.06 -2.16
N ASN A 212 28.98 11.96 -1.29
CA ASN A 212 29.81 13.11 -0.92
C ASN A 212 30.93 12.72 0.03
N GLU A 213 30.75 11.64 0.78
CA GLU A 213 31.76 11.20 1.73
C GLU A 213 32.92 10.55 0.98
N LYS A 214 34.15 10.84 1.41
CA LYS A 214 35.35 10.26 0.81
C LYS A 214 36.14 9.42 1.79
N ARG A 215 35.59 9.10 2.96
CA ARG A 215 36.18 8.15 3.89
C ARG A 215 35.60 6.76 3.60
N ASP A 216 35.79 5.83 4.54
CA ASP A 216 35.20 4.50 4.45
C ASP A 216 33.91 4.51 5.26
N HIS A 217 32.78 4.23 4.60
CA HIS A 217 31.49 4.40 5.25
C HIS A 217 30.45 3.49 4.62
N MET A 218 29.35 3.30 5.35
CA MET A 218 28.21 2.51 4.88
C MET A 218 26.89 3.18 5.26
N VAL A 219 25.93 3.13 4.35
CA VAL A 219 24.55 3.55 4.62
C VAL A 219 23.69 2.30 4.64
N LEU A 220 22.93 2.12 5.72
CA LEU A 220 22.21 0.88 5.95
C LEU A 220 20.74 1.19 6.20
N LEU A 221 19.87 0.43 5.53
CA LEU A 221 18.42 0.59 5.57
C LEU A 221 17.79 -0.75 5.93
N GLU A 222 16.95 -0.76 6.96
CA GLU A 222 16.38 -1.99 7.52
C GLU A 222 14.87 -1.88 7.63
N PHE A 223 14.16 -2.87 7.08
CA PHE A 223 12.73 -3.07 7.29
C PHE A 223 12.51 -4.37 8.05
N VAL A 224 11.69 -4.31 9.10
CA VAL A 224 11.51 -5.42 10.03
C VAL A 224 10.02 -5.68 10.22
N THR A 225 9.61 -6.94 10.16
CA THR A 225 8.27 -7.31 10.60
C THR A 225 8.34 -8.59 11.44
N ALA A 226 7.27 -8.87 12.18
CA ALA A 226 7.24 -9.99 13.11
C ALA A 226 6.01 -10.87 12.88
N ALA A 227 6.19 -12.17 12.90
CA ALA A 227 5.10 -13.13 12.67
C ALA A 227 5.46 -14.46 13.34
N GLY A 228 4.71 -15.50 13.00
CA GLY A 228 4.95 -16.82 13.56
C GLY A 228 3.77 -17.50 14.20
N ILE A 229 2.95 -16.76 14.95
CA ILE A 229 1.71 -17.27 15.53
C ILE A 229 0.56 -16.68 14.72
N THR A 230 -0.32 -17.54 14.22
CA THR A 230 -1.39 -17.09 13.34
C THR A 230 -2.48 -16.37 14.12
N THR A 231 -3.21 -15.51 13.41
CA THR A 231 -4.23 -14.68 13.99
C THR A 231 -5.44 -15.53 14.39
N PRO A 232 -6.28 -15.03 15.30
CA PRO A 232 -7.62 -15.62 15.47
C PRO A 232 -8.46 -15.56 14.20
N GLY A 233 -8.28 -14.53 13.39
CA GLY A 233 -8.97 -14.39 12.12
C GLY A 233 -10.12 -13.43 12.13
N TRP A 234 -10.66 -13.09 13.29
CA TRP A 234 -11.74 -12.13 13.40
C TRP A 234 -11.20 -10.77 13.80
N LEU A 235 -12.07 -9.76 13.74
CA LEU A 235 -11.64 -8.38 13.72
C LEU A 235 -11.29 -7.92 15.14
N SER A 236 -10.77 -6.70 15.24
CA SER A 236 -10.38 -6.08 16.50
C SER A 236 -11.44 -5.09 16.96
N ARG A 237 -11.15 -4.36 18.04
CA ARG A 237 -12.09 -3.39 18.57
C ARG A 237 -12.18 -2.15 17.68
N GLU A 238 -11.03 -1.61 17.28
CA GLU A 238 -11.01 -0.37 16.51
C GLU A 238 -11.60 -0.57 15.11
N GLN A 239 -11.47 -1.77 14.55
CA GLN A 239 -11.96 -1.99 13.19
C GLN A 239 -13.48 -2.09 13.15
N VAL A 240 -14.09 -2.80 14.10
CA VAL A 240 -15.55 -2.82 14.15
C VAL A 240 -16.10 -1.45 14.54
N PHE A 241 -15.34 -0.71 15.36
CA PHE A 241 -15.67 0.67 15.72
C PHE A 241 -15.75 1.57 14.48
N VAL A 242 -14.71 1.53 13.63
CA VAL A 242 -14.69 2.42 12.48
C VAL A 242 -15.65 1.94 11.39
N LEU A 243 -15.93 0.64 11.30
CA LEU A 243 -16.91 0.16 10.34
C LEU A 243 -18.32 0.62 10.70
N ILE A 244 -18.71 0.50 11.98
CA ILE A 244 -20.04 0.96 12.39
C ILE A 244 -20.17 2.46 12.20
N SER A 245 -19.12 3.22 12.55
CA SER A 245 -19.17 4.67 12.41
C SER A 245 -19.27 5.10 10.94
N ALA A 246 -18.42 4.54 10.09
CA ALA A 246 -18.39 4.94 8.68
C ALA A 246 -19.66 4.50 7.96
N ALA A 247 -20.21 3.33 8.31
CA ALA A 247 -21.45 2.87 7.73
C ALA A 247 -22.61 3.79 8.09
N SER A 248 -22.71 4.18 9.38
CA SER A 248 -23.80 5.06 9.81
C SER A 248 -23.69 6.44 9.17
N VAL A 249 -22.47 6.98 9.09
CA VAL A 249 -22.24 8.27 8.44
C VAL A 249 -22.61 8.22 6.96
N ASN A 250 -22.21 7.13 6.27
CA ASN A 250 -22.48 7.03 4.84
C ASN A 250 -23.98 6.91 4.57
N LEU A 251 -24.68 6.11 5.40
CA LEU A 251 -26.14 6.03 5.35
C LEU A 251 -26.80 7.39 5.52
N GLY A 252 -26.43 8.12 6.57
CA GLY A 252 -27.09 9.38 6.88
C GLY A 252 -26.84 10.45 5.84
N SER A 253 -25.59 10.56 5.38
CA SER A 253 -25.27 11.55 4.36
C SER A 253 -25.92 11.22 3.02
N MET A 254 -25.99 9.97 2.63
CA MET A 254 -26.65 9.56 1.39
C MET A 254 -28.14 9.83 1.45
N MET A 255 -28.78 9.47 2.49
CA MET A 255 -30.22 9.72 2.52
C MET A 255 -30.53 11.21 2.63
N CYS A 256 -29.64 11.98 3.28
CA CYS A 256 -29.78 13.43 3.30
C CYS A 256 -29.61 14.03 1.90
N TYR A 257 -28.69 13.64 1.16
CA TYR A 257 -28.50 14.14 -0.19
C TYR A 257 -29.66 13.72 -1.08
N SER A 258 -30.28 12.34 -0.85
CA SER A 258 -31.34 11.84 -1.72
C SER A 258 -32.67 12.56 -1.46
N ILE A 259 -32.92 12.97 -0.21
CA ILE A 259 -34.26 13.47 0.12
C ILE A 259 -34.43 14.92 -0.35
N LEU A 260 -33.33 15.64 -0.58
CA LEU A 260 -33.42 17.07 -0.85
C LEU A 260 -32.41 17.50 -1.90
N GLY A 261 -31.90 16.56 -2.69
CA GLY A 261 -30.98 16.88 -3.76
C GLY A 261 -31.66 17.50 -4.97
N GLY A 279 -26.70 28.72 -11.66
CA GLY A 279 -25.45 28.61 -12.40
C GLY A 279 -24.26 29.17 -11.67
N MET A 280 -24.45 30.34 -11.05
CA MET A 280 -23.38 30.95 -10.27
C MET A 280 -23.11 30.15 -9.00
N ILE A 281 -24.17 29.80 -8.26
CA ILE A 281 -23.99 29.05 -7.03
C ILE A 281 -23.62 27.60 -7.33
N PHE A 282 -24.04 27.08 -8.48
CA PHE A 282 -23.76 25.68 -8.82
C PHE A 282 -22.30 25.48 -9.18
N GLY A 283 -21.75 26.37 -10.01
CA GLY A 283 -20.33 26.30 -10.30
C GLY A 283 -19.47 26.78 -9.14
N CYS A 284 -19.82 27.96 -8.36
CA CYS A 284 -18.98 28.33 -7.24
C CYS A 284 -18.98 27.26 -6.16
N PHE A 285 -20.01 26.42 -6.10
CA PHE A 285 -20.00 25.28 -5.18
C PHE A 285 -18.83 24.35 -5.48
N ALA A 286 -18.59 23.91 -6.72
CA ALA A 286 -17.41 23.13 -7.04
C ALA A 286 -16.14 23.95 -6.93
N LEU A 287 -16.25 25.27 -7.15
CA LEU A 287 -15.09 26.15 -7.01
C LEU A 287 -14.59 26.21 -5.57
N PHE A 288 -15.50 26.32 -4.60
CA PHE A 288 -15.05 26.17 -3.21
C PHE A 288 -14.74 24.72 -2.85
N GLU A 289 -15.38 23.75 -3.52
CA GLU A 289 -15.18 22.35 -3.14
C GLU A 289 -13.77 21.87 -3.47
N LEU A 290 -13.23 22.30 -4.62
CA LEU A 290 -11.87 21.95 -5.01
C LEU A 290 -10.85 22.51 -4.01
N LEU A 291 -11.03 23.78 -3.62
CA LEU A 291 -10.12 24.41 -2.67
C LEU A 291 -10.24 23.78 -1.28
N ALA A 292 -11.47 23.46 -0.86
CA ALA A 292 -11.68 22.85 0.46
C ALA A 292 -11.05 21.47 0.52
N SER A 293 -11.19 20.69 -0.54
CA SER A 293 -10.58 19.36 -0.60
C SER A 293 -9.06 19.46 -0.58
N LEU A 294 -8.49 20.40 -1.34
CA LEU A 294 -7.03 20.55 -1.38
C LEU A 294 -6.48 21.01 -0.02
N VAL A 295 -7.13 21.97 0.63
CA VAL A 295 -6.66 22.49 1.91
C VAL A 295 -6.76 21.42 3.00
N PHE A 296 -7.88 20.68 3.01
CA PHE A 296 -8.03 19.63 4.03
C PHE A 296 -7.11 18.45 3.76
N GLY A 297 -6.76 18.18 2.51
CA GLY A 297 -5.77 17.16 2.22
C GLY A 297 -4.37 17.57 2.65
N ASN A 298 -4.02 18.84 2.41
CA ASN A 298 -2.66 19.30 2.73
C ASN A 298 -2.45 19.41 4.25
N TYR A 299 -3.44 19.88 4.99
CA TYR A 299 -3.34 20.05 6.43
C TYR A 299 -4.37 19.14 7.10
N LEU A 300 -3.96 17.92 7.41
CA LEU A 300 -4.81 16.95 8.10
C LEU A 300 -4.24 16.52 9.44
N VAL A 301 -2.93 16.31 9.53
CA VAL A 301 -2.34 15.91 10.81
C VAL A 301 -2.31 17.08 11.79
N HIS A 302 -2.32 18.31 11.27
CA HIS A 302 -2.42 19.48 12.13
C HIS A 302 -3.82 19.64 12.71
N ILE A 303 -4.84 19.11 12.04
CA ILE A 303 -6.22 19.15 12.53
C ILE A 303 -6.60 17.84 13.21
N GLY A 304 -6.36 16.72 12.55
CA GLY A 304 -6.70 15.43 13.12
C GLY A 304 -7.91 14.82 12.43
N ALA A 305 -7.92 13.49 12.36
CA ALA A 305 -8.99 12.80 11.65
C ALA A 305 -10.29 12.81 12.43
N LYS A 306 -10.21 12.61 13.75
CA LYS A 306 -11.39 12.53 14.59
C LYS A 306 -12.10 13.88 14.68
N PHE A 307 -11.33 14.96 14.92
CA PHE A 307 -11.90 16.29 15.05
C PHE A 307 -12.55 16.75 13.76
N MET A 308 -11.87 16.51 12.63
CA MET A 308 -12.41 16.91 11.33
C MET A 308 -13.63 16.07 10.96
N PHE A 309 -13.69 14.62 11.34
CA PHE A 309 -14.89 13.81 11.24
C PHE A 309 -16.07 14.46 11.96
N VAL A 310 -15.91 14.72 13.19
CA VAL A 310 -17.04 15.23 13.97
C VAL A 310 -17.45 16.63 13.51
N ALA A 311 -16.47 17.46 13.12
CA ALA A 311 -16.78 18.81 12.65
C ALA A 311 -17.56 18.78 11.34
N GLY A 312 -17.15 17.91 10.42
CA GLY A 312 -17.88 17.78 9.16
C GLY A 312 -19.29 17.27 9.35
N MET A 313 -19.47 16.30 10.25
CA MET A 313 -20.82 15.81 10.52
C MET A 313 -21.69 16.87 11.20
N PHE A 314 -21.11 17.67 12.10
CA PHE A 314 -21.86 18.71 12.78
C PHE A 314 -22.31 19.80 11.80
N VAL A 315 -21.41 20.21 10.89
CA VAL A 315 -21.78 21.23 9.91
C VAL A 315 -22.79 20.67 8.89
N SER A 316 -22.68 19.40 8.52
CA SER A 316 -23.64 18.78 7.61
C SER A 316 -25.04 18.72 8.21
N GLY A 317 -25.12 18.34 9.50
CA GLY A 317 -26.39 18.35 10.18
C GLY A 317 -26.96 19.75 10.36
N GLY A 318 -26.08 20.74 10.62
CA GLY A 318 -26.54 22.11 10.70
C GLY A 318 -27.12 22.63 9.41
N VAL A 319 -26.51 22.23 8.28
CA VAL A 319 -27.01 22.63 6.96
C VAL A 319 -28.37 22.01 6.70
N THR A 320 -28.54 20.72 7.02
CA THR A 320 -29.85 20.12 6.75
C THR A 320 -30.92 20.56 7.73
N ILE A 321 -30.55 21.06 8.92
CA ILE A 321 -31.53 21.75 9.76
C ILE A 321 -31.93 23.07 9.13
N LEU A 322 -30.95 23.87 8.71
CA LEU A 322 -31.24 25.23 8.25
C LEU A 322 -31.85 25.28 6.86
N PHE A 323 -31.88 24.15 6.13
CA PHE A 323 -32.50 24.17 4.81
C PHE A 323 -34.01 24.38 4.86
N GLY A 324 -34.67 24.04 5.96
CA GLY A 324 -36.09 24.32 6.08
C GLY A 324 -36.41 25.78 6.34
N VAL A 325 -35.46 26.54 6.89
CA VAL A 325 -35.72 27.90 7.36
C VAL A 325 -35.89 28.90 6.21
N LEU A 326 -35.58 28.48 4.96
CA LEU A 326 -35.64 29.40 3.82
C LEU A 326 -37.05 29.85 3.49
N ASP A 327 -38.08 29.10 3.93
CA ASP A 327 -39.44 29.55 3.68
C ASP A 327 -39.84 30.72 4.59
N ARG A 328 -39.19 30.88 5.74
CA ARG A 328 -39.46 31.97 6.65
C ARG A 328 -38.46 33.11 6.53
N VAL A 329 -37.49 33.00 5.63
CA VAL A 329 -36.53 34.08 5.39
C VAL A 329 -37.14 35.00 4.34
N PRO A 330 -37.25 36.30 4.61
CA PRO A 330 -37.82 37.23 3.62
C PRO A 330 -36.92 37.38 2.39
N ASP A 331 -37.56 37.64 1.26
CA ASP A 331 -36.83 37.75 -0.01
C ASP A 331 -36.10 39.09 -0.07
N GLY A 332 -34.83 39.04 -0.44
CA GLY A 332 -34.01 40.23 -0.50
C GLY A 332 -32.53 39.89 -0.41
N PRO A 333 -31.73 40.83 0.12
CA PRO A 333 -30.30 40.54 0.32
C PRO A 333 -30.05 39.45 1.35
N VAL A 334 -30.92 39.31 2.34
CA VAL A 334 -30.72 38.30 3.38
C VAL A 334 -30.94 36.89 2.81
N PHE A 335 -31.81 36.75 1.80
CA PHE A 335 -32.01 35.45 1.17
C PHE A 335 -30.75 34.99 0.42
N ILE A 336 -30.12 35.91 -0.32
CA ILE A 336 -28.88 35.57 -1.02
C ILE A 336 -27.77 35.30 -0.01
N ALA A 337 -27.67 36.16 1.01
CA ALA A 337 -26.62 36.01 2.02
C ALA A 337 -26.85 34.83 2.95
N MET A 338 -28.02 34.21 2.91
CA MET A 338 -28.25 32.98 3.64
C MET A 338 -28.08 31.73 2.78
N CYS A 339 -28.61 31.74 1.55
CA CYS A 339 -28.50 30.56 0.69
C CYS A 339 -27.06 30.33 0.26
N PHE A 340 -26.35 31.44 -0.07
CA PHE A 340 -24.91 31.33 -0.28
C PHE A 340 -24.23 30.67 0.91
N LEU A 341 -24.42 31.04 2.15
CA LEU A 341 -23.72 30.45 3.30
C LEU A 341 -24.12 29.00 3.53
N VAL A 342 -25.40 28.67 3.33
CA VAL A 342 -25.82 27.26 3.43
C VAL A 342 -25.14 26.42 2.35
N ARG A 343 -25.07 26.98 1.06
CA ARG A 343 -24.37 26.26 -0.04
C ARG A 343 -22.90 26.04 0.35
N VAL A 344 -22.14 27.03 0.84
CA VAL A 344 -20.70 26.86 1.05
C VAL A 344 -20.43 25.99 2.28
N MET A 345 -21.30 26.05 3.30
CA MET A 345 -21.12 25.17 4.44
C MET A 345 -21.44 23.72 4.10
N ASP A 346 -22.43 23.49 3.22
CA ASP A 346 -22.69 22.14 2.71
C ASP A 346 -21.49 21.60 1.95
N ALA A 347 -20.87 22.46 1.12
CA ALA A 347 -19.69 22.08 0.36
C ALA A 347 -18.53 21.68 1.26
N VAL A 348 -18.18 22.55 2.23
CA VAL A 348 -17.00 22.28 3.05
C VAL A 348 -17.28 21.14 4.03
N SER A 349 -18.54 20.96 4.45
CA SER A 349 -18.88 19.85 5.33
C SER A 349 -18.75 18.52 4.63
N PHE A 350 -19.26 18.42 3.39
CA PHE A 350 -19.12 17.18 2.64
C PHE A 350 -17.66 16.89 2.32
N ALA A 351 -16.88 17.93 2.00
CA ALA A 351 -15.47 17.73 1.67
C ALA A 351 -14.69 17.21 2.87
N ALA A 352 -14.90 17.82 4.05
CA ALA A 352 -14.19 17.41 5.26
C ALA A 352 -14.60 16.00 5.68
N ALA A 353 -15.89 15.70 5.64
CA ALA A 353 -16.36 14.37 6.03
C ALA A 353 -15.84 13.28 5.10
N MET A 354 -15.81 13.56 3.77
CA MET A 354 -15.31 12.58 2.81
C MET A 354 -13.83 12.31 3.03
N THR A 355 -13.03 13.35 3.10
CA THR A 355 -11.60 13.10 3.21
C THR A 355 -11.23 12.48 4.55
N ALA A 356 -11.95 12.84 5.63
CA ALA A 356 -11.66 12.26 6.93
C ALA A 356 -12.02 10.79 6.98
N SER A 357 -13.20 10.43 6.44
CA SER A 357 -13.64 9.03 6.44
C SER A 357 -12.74 8.17 5.58
N SER A 358 -12.37 8.67 4.39
CA SER A 358 -11.51 7.89 3.50
C SER A 358 -10.12 7.69 4.11
N SER A 359 -9.56 8.71 4.75
CA SER A 359 -8.24 8.58 5.36
C SER A 359 -8.26 7.64 6.56
N ILE A 360 -9.30 7.72 7.40
CA ILE A 360 -9.30 6.87 8.60
C ILE A 360 -9.60 5.42 8.25
N LEU A 361 -10.36 5.18 7.16
CA LEU A 361 -10.55 3.79 6.76
C LEU A 361 -9.38 3.28 5.93
N ALA A 362 -8.60 4.18 5.33
CA ALA A 362 -7.34 3.75 4.71
C ALA A 362 -6.34 3.34 5.77
N LYS A 363 -6.33 4.03 6.92
CA LYS A 363 -5.42 3.64 7.99
C LYS A 363 -5.90 2.39 8.72
N ALA A 364 -7.21 2.26 8.93
CA ALA A 364 -7.74 1.18 9.77
C ALA A 364 -7.56 -0.19 9.13
N PHE A 365 -7.78 -0.29 7.83
CA PHE A 365 -7.59 -1.56 7.12
C PHE A 365 -6.50 -1.36 6.07
N PRO A 366 -5.26 -1.72 6.36
CA PRO A 366 -4.17 -1.40 5.42
C PRO A 366 -4.14 -2.28 4.19
N ASN A 367 -4.37 -3.58 4.34
CA ASN A 367 -4.31 -4.49 3.20
C ASN A 367 -5.66 -4.63 2.50
N ASN A 368 -6.76 -4.61 3.26
CA ASN A 368 -8.10 -4.73 2.70
C ASN A 368 -8.75 -3.36 2.62
N VAL A 369 -8.30 -2.57 1.64
CA VAL A 369 -8.77 -1.19 1.50
C VAL A 369 -9.89 -1.07 0.48
N ALA A 370 -9.89 -1.91 -0.57
CA ALA A 370 -10.93 -1.81 -1.59
C ALA A 370 -12.23 -2.46 -1.13
N THR A 371 -12.12 -3.52 -0.32
CA THR A 371 -13.30 -4.26 0.15
C THR A 371 -14.16 -3.41 1.07
N VAL A 372 -13.52 -2.62 1.94
CA VAL A 372 -14.26 -1.76 2.86
C VAL A 372 -14.97 -0.64 2.09
N LEU A 373 -14.30 -0.05 1.11
CA LEU A 373 -14.92 1.01 0.30
C LEU A 373 -16.09 0.46 -0.51
N GLY A 374 -15.96 -0.76 -1.05
CA GLY A 374 -17.08 -1.38 -1.73
C GLY A 374 -18.25 -1.69 -0.81
N SER A 375 -17.96 -2.11 0.43
CA SER A 375 -19.01 -2.41 1.39
C SER A 375 -19.75 -1.14 1.83
N LEU A 376 -19.02 -0.04 2.04
CA LEU A 376 -19.68 1.24 2.33
C LEU A 376 -20.48 1.75 1.15
N GLU A 377 -20.03 1.49 -0.09
CA GLU A 377 -20.84 1.86 -1.26
C GLU A 377 -22.13 1.04 -1.30
N THR A 378 -22.05 -0.25 -0.94
CA THR A 378 -23.24 -1.09 -0.85
C THR A 378 -24.20 -0.60 0.23
N PHE A 379 -23.68 -0.19 1.38
CA PHE A 379 -24.54 0.36 2.44
C PHE A 379 -25.14 1.68 2.04
N SER A 380 -24.42 2.49 1.25
CA SER A 380 -24.99 3.73 0.71
C SER A 380 -26.16 3.44 -0.21
N GLY A 381 -26.02 2.41 -1.05
CA GLY A 381 -27.14 2.02 -1.91
C GLY A 381 -28.33 1.48 -1.12
N LEU A 382 -28.06 0.63 -0.13
CA LEU A 382 -29.12 0.06 0.70
C LEU A 382 -29.77 1.10 1.59
N GLY A 383 -29.10 2.21 1.86
CA GLY A 383 -29.71 3.31 2.57
C GLY A 383 -30.49 4.25 1.69
N LEU A 384 -30.04 4.44 0.45
CA LEU A 384 -30.81 5.30 -0.46
C LEU A 384 -32.07 4.61 -0.97
N ILE A 385 -32.14 3.27 -0.91
CA ILE A 385 -33.37 2.61 -1.31
C ILE A 385 -34.36 2.58 -0.14
N LEU A 386 -33.94 3.07 1.03
CA LEU A 386 -34.81 3.18 2.19
C LEU A 386 -35.57 4.50 2.21
N GLY A 387 -35.21 5.45 1.34
CA GLY A 387 -35.81 6.75 1.28
C GLY A 387 -37.31 6.89 1.01
N PRO A 388 -37.84 6.29 -0.06
CA PRO A 388 -39.27 6.49 -0.44
C PRO A 388 -40.30 6.12 0.63
N PRO A 389 -40.26 4.91 1.31
CA PRO A 389 -41.39 4.59 2.22
C PRO A 389 -41.48 5.46 3.47
N VAL A 390 -40.37 5.55 4.22
CA VAL A 390 -40.37 6.38 5.42
C VAL A 390 -40.41 7.86 5.06
N GLY A 391 -39.90 8.22 3.86
CA GLY A 391 -40.02 9.58 3.40
C GLY A 391 -41.45 9.97 3.12
N GLY A 392 -42.20 9.10 2.44
CA GLY A 392 -43.61 9.37 2.20
C GLY A 392 -44.43 9.37 3.48
N PHE A 393 -44.05 8.50 4.43
CA PHE A 393 -44.67 8.53 5.76
C PHE A 393 -44.48 9.88 6.44
N LEU A 394 -43.25 10.40 6.43
CA LEU A 394 -42.98 11.68 7.10
C LEU A 394 -43.55 12.84 6.31
N TYR A 395 -43.71 12.70 5.00
CA TYR A 395 -44.21 13.81 4.20
C TYR A 395 -45.73 13.93 4.31
N GLN A 396 -46.47 12.86 4.02
CA GLN A 396 -47.92 12.95 4.12
C GLN A 396 -48.45 12.59 5.50
N SER A 397 -47.59 12.43 6.50
CA SER A 397 -48.04 12.31 7.89
C SER A 397 -47.86 13.60 8.68
N PHE A 398 -46.70 14.24 8.55
CA PHE A 398 -46.43 15.45 9.31
C PHE A 398 -46.49 16.71 8.47
N GLY A 399 -45.77 16.75 7.35
CA GLY A 399 -45.76 17.94 6.51
C GLY A 399 -44.52 18.08 5.64
N TYR A 400 -44.12 19.32 5.36
CA TYR A 400 -43.02 19.62 4.45
C TYR A 400 -41.88 20.38 5.09
N GLU A 401 -42.17 21.29 6.02
CA GLU A 401 -41.12 21.90 6.84
C GLU A 401 -40.48 20.85 7.74
N VAL A 402 -41.27 19.94 8.27
CA VAL A 402 -40.91 18.94 9.28
C VAL A 402 -39.84 17.93 8.87
N PRO A 403 -39.88 17.23 7.70
CA PRO A 403 -38.93 16.10 7.50
C PRO A 403 -37.46 16.47 7.48
N PHE A 404 -37.13 17.68 7.04
CA PHE A 404 -35.74 18.14 7.12
C PHE A 404 -35.26 18.28 8.56
N ILE A 405 -36.12 18.78 9.45
CA ILE A 405 -35.64 18.97 10.82
C ILE A 405 -35.70 17.64 11.58
N VAL A 406 -36.54 16.69 11.16
CA VAL A 406 -36.46 15.34 11.73
C VAL A 406 -35.16 14.66 11.32
N LEU A 407 -34.75 14.85 10.06
CA LEU A 407 -33.47 14.35 9.59
C LEU A 407 -32.31 15.00 10.34
N GLY A 408 -32.43 16.31 10.59
CA GLY A 408 -31.40 17.01 11.36
C GLY A 408 -31.30 16.52 12.78
N CYS A 409 -32.45 16.23 13.40
CA CYS A 409 -32.45 15.68 14.76
C CYS A 409 -31.81 14.30 14.82
N VAL A 410 -32.11 13.43 13.85
CA VAL A 410 -31.55 12.09 13.92
C VAL A 410 -30.04 12.10 13.59
N VAL A 411 -29.60 13.01 12.72
CA VAL A 411 -28.16 13.11 12.45
C VAL A 411 -27.43 13.70 13.66
N LEU A 412 -27.99 14.74 14.30
CA LEU A 412 -27.33 15.30 15.48
C LEU A 412 -27.46 14.42 16.71
N LEU A 413 -28.33 13.41 16.70
CA LEU A 413 -28.26 12.42 17.77
C LEU A 413 -27.32 11.27 17.45
N MET A 414 -27.08 11.00 16.16
CA MET A 414 -26.06 10.03 15.78
C MET A 414 -24.64 10.60 15.93
N VAL A 415 -24.48 11.92 15.89
CA VAL A 415 -23.15 12.54 16.01
C VAL A 415 -22.42 12.25 17.32
N PRO A 416 -23.03 12.35 18.52
CA PRO A 416 -22.25 12.05 19.75
C PRO A 416 -21.80 10.60 19.88
N LEU A 417 -22.45 9.67 19.17
CA LEU A 417 -21.91 8.32 19.06
C LEU A 417 -20.57 8.34 18.36
N ASN A 418 -20.45 9.10 17.26
CA ASN A 418 -19.17 9.22 16.58
C ASN A 418 -18.17 10.02 17.40
N MET A 419 -18.64 10.88 18.29
CA MET A 419 -17.74 11.50 19.25
C MET A 419 -17.19 10.46 20.24
N TYR A 420 -18.04 9.53 20.66
CA TYR A 420 -17.65 8.56 21.69
C TYR A 420 -16.75 7.46 21.14
N ILE A 421 -17.02 6.98 19.92
CA ILE A 421 -16.45 5.72 19.45
C ILE A 421 -15.04 5.87 18.87
N LEU A 422 -14.77 6.94 18.11
CA LEU A 422 -13.63 6.96 17.19
C LEU A 422 -12.29 7.04 17.91
N PRO A 423 -11.27 6.33 17.43
CA PRO A 423 -9.95 6.38 18.06
C PRO A 423 -9.19 7.66 17.68
N ASN A 424 -8.12 7.89 18.43
CA ASN A 424 -7.29 9.10 18.28
C ASN A 424 -5.99 8.71 17.59
N TYR A 425 -5.97 8.82 16.26
CA TYR A 425 -4.77 8.60 15.48
C TYR A 425 -3.94 9.87 15.45
N GLU A 426 -2.68 9.77 15.86
CA GLU A 426 -1.78 10.91 15.89
C GLU A 426 -0.53 10.61 15.10
N SER A 427 -0.08 11.59 14.32
CA SER A 427 1.09 11.43 13.46
C SER A 427 1.85 12.75 13.42
N ASP A 428 2.80 12.83 12.50
CA ASP A 428 3.72 13.94 12.31
C ASP A 428 3.74 14.37 10.85
N PRO A 429 4.08 15.63 10.56
CA PRO A 429 4.10 16.10 9.17
C PRO A 429 5.17 15.41 8.33
N GLY A 430 4.85 15.23 7.05
CA GLY A 430 5.70 14.47 6.16
C GLY A 430 6.87 15.28 5.61
N GLU A 431 7.67 14.60 4.80
CA GLU A 431 8.90 15.18 4.29
C GLU A 431 8.74 15.79 2.90
N HIS A 432 7.74 15.35 2.14
CA HIS A 432 7.52 15.85 0.79
C HIS A 432 6.32 16.80 0.80
N SER A 433 5.88 17.21 -0.39
CA SER A 433 4.79 18.16 -0.52
C SER A 433 3.67 17.59 -1.40
N PHE A 434 2.73 18.57 -1.70
CA PHE A 434 1.63 18.22 -2.58
C PHE A 434 2.08 18.17 -4.04
N TRP A 435 2.95 19.02 -4.33
CA TRP A 435 3.37 19.26 -5.71
C TRP A 435 4.29 18.16 -6.23
N LYS A 436 4.97 17.44 -5.33
CA LYS A 436 5.71 16.26 -5.76
C LYS A 436 4.75 15.12 -6.11
N LEU A 437 3.63 15.02 -5.39
CA LEU A 437 2.68 13.94 -5.64
C LEU A 437 1.90 14.20 -6.93
N ILE A 438 1.52 15.45 -7.17
CA ILE A 438 0.66 15.74 -8.32
C ILE A 438 1.44 15.67 -9.64
N ALA A 439 2.78 15.76 -9.58
CA ALA A 439 3.60 15.81 -10.78
C ALA A 439 3.95 14.44 -11.33
N LEU A 440 3.41 13.35 -10.74
CA LEU A 440 3.65 12.04 -11.34
C LEU A 440 2.79 11.85 -12.58
N PRO A 441 3.29 11.14 -13.60
CA PRO A 441 2.50 10.94 -14.84
C PRO A 441 1.29 10.03 -14.65
N LYS A 442 1.49 8.93 -13.91
CA LYS A 442 0.42 7.97 -13.68
C LYS A 442 -0.73 8.59 -12.90
N VAL A 443 -0.41 9.45 -11.93
CA VAL A 443 -1.42 10.13 -11.13
C VAL A 443 -2.22 11.10 -11.99
N GLY A 444 -1.56 11.79 -12.91
CA GLY A 444 -2.26 12.68 -13.83
C GLY A 444 -3.19 11.94 -14.76
N LEU A 445 -2.78 10.76 -15.23
CA LEU A 445 -3.66 9.95 -16.06
C LEU A 445 -4.84 9.39 -15.25
N ILE A 446 -4.63 9.03 -13.98
CA ILE A 446 -5.73 8.67 -13.07
C ILE A 446 -6.72 9.82 -12.95
N ALA A 447 -6.20 11.04 -12.76
CA ALA A 447 -7.06 12.21 -12.62
C ALA A 447 -7.86 12.46 -13.89
N PHE A 448 -7.24 12.22 -15.06
CA PHE A 448 -7.93 12.45 -16.32
C PHE A 448 -9.03 11.43 -16.56
N VAL A 449 -8.79 10.16 -16.18
CA VAL A 449 -9.83 9.12 -16.26
C VAL A 449 -11.00 9.43 -15.34
N ILE A 450 -10.72 9.86 -14.11
CA ILE A 450 -11.82 10.11 -13.17
C ILE A 450 -12.55 11.40 -13.53
N ASN A 451 -11.86 12.36 -14.17
CA ASN A 451 -12.54 13.52 -14.74
C ASN A 451 -13.51 13.11 -15.84
N SER A 452 -13.10 12.16 -16.68
CA SER A 452 -13.99 11.65 -17.72
C SER A 452 -15.22 10.98 -17.12
N LEU A 453 -15.02 10.17 -16.08
CA LEU A 453 -16.14 9.46 -15.44
C LEU A 453 -17.12 10.42 -14.77
N SER A 454 -16.60 11.39 -14.00
CA SER A 454 -17.45 12.34 -13.31
C SER A 454 -18.13 13.30 -14.29
N SER A 455 -17.46 13.63 -15.39
CA SER A 455 -18.06 14.48 -16.40
C SER A 455 -19.19 13.76 -17.14
N CYS A 456 -19.03 12.45 -17.39
CA CYS A 456 -20.12 11.66 -17.96
C CYS A 456 -21.32 11.60 -17.02
N PHE A 457 -21.07 11.40 -15.73
CA PHE A 457 -22.16 11.39 -14.75
C PHE A 457 -22.88 12.73 -14.67
N GLY A 458 -22.11 13.82 -14.64
CA GLY A 458 -22.71 15.15 -14.59
C GLY A 458 -23.48 15.51 -15.85
N PHE A 459 -23.01 15.03 -17.00
CA PHE A 459 -23.77 15.20 -18.24
C PHE A 459 -25.05 14.38 -18.21
N LEU A 460 -24.99 13.18 -17.63
CA LEU A 460 -26.16 12.32 -17.60
C LEU A 460 -27.23 12.82 -16.64
N ASP A 461 -26.89 13.71 -15.66
CA ASP A 461 -27.87 14.28 -14.72
C ASP A 461 -29.05 14.94 -15.42
N PRO A 462 -28.78 16.20 -16.13
CA PRO A 462 -29.96 17.01 -16.49
C PRO A 462 -30.67 16.63 -17.79
N THR A 463 -29.98 16.08 -18.79
CA THR A 463 -30.60 15.94 -20.10
C THR A 463 -31.42 14.67 -20.25
N LEU A 464 -31.29 13.73 -19.30
CA LEU A 464 -32.06 12.49 -19.39
C LEU A 464 -33.54 12.74 -19.19
N SER A 465 -33.89 13.63 -18.26
CA SER A 465 -35.28 13.99 -18.02
C SER A 465 -35.88 14.71 -19.23
N LEU A 466 -35.09 15.57 -19.87
CA LEU A 466 -35.54 16.24 -21.09
C LEU A 466 -35.76 15.26 -22.23
N PHE A 467 -34.86 14.27 -22.36
CA PHE A 467 -34.99 13.29 -23.44
C PHE A 467 -36.19 12.37 -23.23
N VAL A 468 -36.43 11.96 -21.98
CA VAL A 468 -37.60 11.13 -21.67
C VAL A 468 -38.89 11.92 -21.87
N LEU A 469 -38.89 13.20 -21.49
CA LEU A 469 -40.09 14.02 -21.65
C LEU A 469 -40.36 14.35 -23.12
N GLU A 470 -39.31 14.44 -23.93
CA GLU A 470 -39.50 14.90 -25.30
C GLU A 470 -39.75 13.73 -26.25
N LYS A 471 -39.17 12.56 -25.99
CA LYS A 471 -39.40 11.41 -26.85
C LYS A 471 -40.51 10.49 -26.35
N PHE A 472 -40.33 9.90 -25.18
CA PHE A 472 -41.19 8.79 -24.76
C PHE A 472 -42.43 9.25 -24.01
N ASN A 473 -42.50 10.54 -23.66
CA ASN A 473 -43.63 11.18 -22.97
C ASN A 473 -43.92 10.51 -21.61
N LEU A 474 -42.89 10.53 -20.75
CA LEU A 474 -43.03 10.15 -19.36
C LEU A 474 -42.48 11.27 -18.47
N PRO A 475 -43.03 11.44 -17.26
CA PRO A 475 -42.52 12.49 -16.36
C PRO A 475 -41.22 12.10 -15.66
N ALA A 476 -40.81 12.93 -14.70
CA ALA A 476 -39.56 12.73 -13.98
C ALA A 476 -39.60 11.56 -12.99
N GLY A 477 -40.76 10.94 -12.78
CA GLY A 477 -40.84 9.80 -11.88
C GLY A 477 -40.04 8.60 -12.39
N TYR A 478 -40.20 8.26 -13.67
CA TYR A 478 -39.40 7.17 -14.21
C TYR A 478 -37.96 7.60 -14.49
N VAL A 479 -37.69 8.90 -14.58
CA VAL A 479 -36.30 9.36 -14.62
C VAL A 479 -35.61 9.09 -13.28
N GLY A 480 -36.31 9.38 -12.18
CA GLY A 480 -35.79 9.01 -10.87
C GLY A 480 -35.72 7.50 -10.68
N LEU A 481 -36.66 6.77 -11.27
CA LEU A 481 -36.64 5.31 -11.20
C LEU A 481 -35.43 4.72 -11.92
N VAL A 482 -35.08 5.26 -13.09
CA VAL A 482 -33.93 4.70 -13.80
C VAL A 482 -32.62 5.19 -13.17
N PHE A 483 -32.65 6.35 -12.49
CA PHE A 483 -31.53 6.74 -11.63
C PHE A 483 -31.34 5.75 -10.48
N LEU A 484 -32.45 5.31 -9.90
CA LEU A 484 -32.42 4.29 -8.84
C LEU A 484 -31.89 2.96 -9.36
N GLY A 485 -32.28 2.58 -10.58
CA GLY A 485 -31.77 1.34 -11.16
C GLY A 485 -30.28 1.39 -11.45
N MET A 486 -29.81 2.53 -11.96
CA MET A 486 -28.38 2.70 -12.22
C MET A 486 -27.57 2.72 -10.92
N ALA A 487 -28.10 3.36 -9.88
CA ALA A 487 -27.44 3.35 -8.58
C ALA A 487 -27.45 1.95 -7.96
N LEU A 488 -28.51 1.18 -8.20
CA LEU A 488 -28.57 -0.18 -7.69
C LEU A 488 -27.56 -1.09 -8.39
N SER A 489 -27.39 -0.93 -9.70
CA SER A 489 -26.38 -1.69 -10.42
C SER A 489 -24.98 -1.31 -9.96
N TYR A 490 -24.76 -0.03 -9.66
CA TYR A 490 -23.50 0.43 -9.07
C TYR A 490 -23.27 -0.19 -7.70
N ALA A 491 -24.33 -0.27 -6.88
CA ALA A 491 -24.22 -0.80 -5.52
C ALA A 491 -23.95 -2.30 -5.52
N ILE A 492 -24.53 -3.04 -6.47
CA ILE A 492 -24.23 -4.45 -6.59
C ILE A 492 -22.81 -4.66 -7.12
N SER A 493 -22.41 -3.89 -8.14
CA SER A 493 -21.15 -4.18 -8.81
C SER A 493 -19.94 -3.66 -8.04
N SER A 494 -20.15 -2.77 -7.07
CA SER A 494 -19.01 -2.21 -6.33
C SER A 494 -18.24 -3.20 -5.45
N PRO A 495 -18.88 -3.96 -4.51
CA PRO A 495 -18.03 -4.73 -3.58
C PRO A 495 -17.36 -5.94 -4.20
N LEU A 496 -17.98 -6.55 -5.22
CA LEU A 496 -17.39 -7.72 -5.86
C LEU A 496 -16.10 -7.36 -6.59
N PHE A 497 -16.13 -6.29 -7.38
CA PHE A 497 -14.91 -5.89 -8.06
C PHE A 497 -13.93 -5.19 -7.13
N GLY A 498 -14.41 -4.66 -6.00
CA GLY A 498 -13.49 -4.25 -4.95
C GLY A 498 -12.71 -5.42 -4.38
N LEU A 499 -13.39 -6.54 -4.14
CA LEU A 499 -12.74 -7.75 -3.64
C LEU A 499 -11.78 -8.33 -4.68
N LEU A 500 -12.17 -8.29 -5.96
CA LEU A 500 -11.29 -8.76 -7.03
C LEU A 500 -10.04 -7.90 -7.16
N SER A 501 -10.19 -6.58 -7.05
CA SER A 501 -9.04 -5.69 -7.14
C SER A 501 -8.14 -5.81 -5.92
N ASP A 502 -8.73 -6.10 -4.75
CA ASP A 502 -7.95 -6.30 -3.54
C ASP A 502 -7.14 -7.58 -3.62
N LYS A 503 -7.77 -8.68 -4.07
CA LYS A 503 -7.14 -9.99 -3.98
C LYS A 503 -6.05 -10.16 -5.04
N ARG A 504 -6.29 -9.69 -6.26
CA ARG A 504 -5.30 -9.77 -7.33
C ARG A 504 -4.70 -8.41 -7.63
N PRO A 505 -3.40 -8.20 -7.41
CA PRO A 505 -2.79 -6.88 -7.69
C PRO A 505 -2.71 -6.51 -9.17
N PRO A 506 -2.21 -7.36 -10.11
CA PRO A 506 -2.01 -6.83 -11.48
C PRO A 506 -3.31 -6.68 -12.28
N LEU A 507 -4.44 -7.20 -11.79
CA LEU A 507 -5.71 -7.04 -12.48
C LEU A 507 -6.32 -5.66 -12.25
N ARG A 508 -5.80 -4.91 -11.28
CA ARG A 508 -6.38 -3.64 -10.86
C ARG A 508 -6.28 -2.58 -11.96
N LYS A 509 -5.12 -2.48 -12.60
CA LYS A 509 -4.93 -1.49 -13.64
C LYS A 509 -5.70 -1.86 -14.91
N TRP A 510 -5.85 -3.16 -15.15
CA TRP A 510 -6.65 -3.64 -16.28
C TRP A 510 -8.12 -3.30 -16.08
N LEU A 511 -8.61 -3.46 -14.84
CA LEU A 511 -9.98 -3.06 -14.54
C LEU A 511 -10.16 -1.55 -14.58
N LEU A 512 -9.09 -0.78 -14.35
CA LEU A 512 -9.17 0.66 -14.58
C LEU A 512 -9.34 0.99 -16.06
N VAL A 513 -8.63 0.30 -16.94
CA VAL A 513 -8.72 0.59 -18.38
C VAL A 513 -10.06 0.13 -18.96
N PHE A 514 -10.44 -1.13 -18.66
CA PHE A 514 -11.64 -1.72 -19.25
C PHE A 514 -12.91 -1.06 -18.76
N GLY A 515 -12.89 -0.52 -17.54
CA GLY A 515 -14.06 0.19 -17.03
C GLY A 515 -14.38 1.44 -17.83
N ASN A 516 -13.35 2.21 -18.16
CA ASN A 516 -13.55 3.41 -18.94
C ASN A 516 -13.94 3.06 -20.37
N LEU A 517 -13.38 1.96 -20.92
CA LEU A 517 -13.76 1.55 -22.27
C LEU A 517 -15.22 1.09 -22.36
N ILE A 518 -15.68 0.31 -21.37
CA ILE A 518 -17.08 -0.13 -21.35
C ILE A 518 -18.01 1.06 -21.09
N THR A 519 -17.57 2.01 -20.27
CA THR A 519 -18.36 3.23 -20.04
C THR A 519 -18.51 4.04 -21.33
N ALA A 520 -17.44 4.13 -22.12
CA ALA A 520 -17.50 4.83 -23.41
C ALA A 520 -18.44 4.12 -24.38
N GLY A 521 -18.41 2.78 -24.38
CA GLY A 521 -19.35 2.04 -25.20
C GLY A 521 -20.80 2.24 -24.78
N CYS A 522 -21.02 2.36 -23.46
CA CYS A 522 -22.37 2.60 -22.95
C CYS A 522 -22.88 3.98 -23.34
N TYR A 523 -22.03 5.00 -23.23
CA TYR A 523 -22.44 6.34 -23.62
C TYR A 523 -22.50 6.54 -25.14
N MET A 524 -21.87 5.67 -25.93
CA MET A 524 -22.18 5.70 -27.37
C MET A 524 -23.46 4.95 -27.71
N LEU A 525 -23.78 3.89 -26.97
CA LEU A 525 -25.09 3.25 -27.17
C LEU A 525 -26.22 4.02 -26.49
N LEU A 526 -25.89 5.05 -25.69
CA LEU A 526 -26.92 5.91 -25.12
C LEU A 526 -27.68 6.67 -26.20
N GLY A 527 -26.95 7.25 -27.14
CA GLY A 527 -27.55 7.91 -28.27
C GLY A 527 -27.42 7.08 -29.53
N PRO A 528 -28.55 6.61 -30.06
CA PRO A 528 -28.51 5.86 -31.33
C PRO A 528 -28.04 6.73 -32.50
N VAL A 529 -26.86 6.43 -33.00
CA VAL A 529 -26.22 7.22 -34.05
C VAL A 529 -26.98 7.05 -35.36
N PRO A 530 -27.29 8.14 -36.08
CA PRO A 530 -28.01 7.98 -37.37
C PRO A 530 -27.21 7.26 -38.44
N ILE A 531 -25.88 7.21 -38.32
CA ILE A 531 -25.08 6.42 -39.25
C ILE A 531 -25.29 4.93 -38.99
N LEU A 532 -25.28 4.54 -37.70
CA LEU A 532 -25.24 3.12 -37.34
C LEU A 532 -26.57 2.41 -37.55
N HIS A 533 -27.66 3.14 -37.78
CA HIS A 533 -29.01 2.59 -38.05
C HIS A 533 -29.49 1.67 -36.92
N ILE A 534 -29.64 2.25 -35.74
CA ILE A 534 -30.15 1.54 -34.58
C ILE A 534 -31.35 2.32 -34.05
N LYS A 535 -32.45 1.61 -33.79
CA LYS A 535 -33.71 2.25 -33.44
C LYS A 535 -33.81 2.49 -31.94
N SER A 536 -34.65 3.45 -31.58
CA SER A 536 -34.82 3.87 -30.19
C SER A 536 -36.02 3.19 -29.54
N GLN A 537 -35.81 2.68 -28.34
CA GLN A 537 -36.87 2.06 -27.55
C GLN A 537 -36.54 2.22 -26.08
N LEU A 538 -37.35 1.61 -25.22
CA LEU A 538 -37.30 1.90 -23.78
C LEU A 538 -36.43 0.92 -23.01
N TRP A 539 -36.66 -0.38 -23.18
CA TRP A 539 -35.96 -1.37 -22.35
C TRP A 539 -34.49 -1.48 -22.73
N LEU A 540 -34.18 -1.24 -24.01
CA LEU A 540 -32.79 -1.15 -24.45
C LEU A 540 -32.08 0.02 -23.77
N LEU A 541 -32.76 1.17 -23.70
CA LEU A 541 -32.18 2.35 -23.06
C LEU A 541 -31.96 2.13 -21.57
N VAL A 542 -32.93 1.51 -20.90
CA VAL A 542 -32.83 1.20 -19.47
C VAL A 542 -31.70 0.20 -19.21
N LEU A 543 -31.57 -0.79 -20.10
CA LEU A 543 -30.52 -1.80 -19.93
C LEU A 543 -29.13 -1.21 -20.14
N ILE A 544 -28.99 -0.29 -21.12
CA ILE A 544 -27.70 0.38 -21.33
C ILE A 544 -27.36 1.28 -20.14
N LEU A 545 -28.37 1.91 -19.52
CA LEU A 545 -28.10 2.68 -18.30
C LEU A 545 -27.68 1.78 -17.14
N VAL A 546 -28.26 0.59 -17.02
CA VAL A 546 -27.86 -0.36 -15.97
C VAL A 546 -26.42 -0.83 -16.18
N VAL A 547 -26.07 -1.18 -17.44
CA VAL A 547 -24.70 -1.60 -17.74
C VAL A 547 -23.72 -0.44 -17.57
N SER A 548 -24.16 0.80 -17.81
CA SER A 548 -23.34 1.96 -17.54
C SER A 548 -23.06 2.12 -16.04
N GLY A 549 -24.06 1.84 -15.21
CA GLY A 549 -23.83 1.84 -13.77
C GLY A 549 -22.85 0.78 -13.33
N LEU A 550 -22.92 -0.41 -13.93
CA LEU A 550 -21.97 -1.48 -13.61
C LEU A 550 -20.56 -1.10 -14.06
N SER A 551 -20.43 -0.46 -15.22
CA SER A 551 -19.12 -0.04 -15.71
C SER A 551 -18.52 1.06 -14.85
N ALA A 552 -19.36 2.00 -14.39
CA ALA A 552 -18.89 3.05 -13.50
C ALA A 552 -18.42 2.47 -12.17
N GLY A 553 -19.16 1.49 -11.63
CA GLY A 553 -18.73 0.86 -10.39
C GLY A 553 -17.46 0.05 -10.55
N MET A 554 -17.32 -0.62 -11.69
CA MET A 554 -16.15 -1.43 -11.96
C MET A 554 -14.92 -0.57 -12.29
N SER A 555 -15.12 0.70 -12.62
CA SER A 555 -14.02 1.64 -12.80
C SER A 555 -13.62 2.39 -11.54
N ILE A 556 -14.57 2.85 -10.71
CA ILE A 556 -14.23 3.87 -9.72
C ILE A 556 -13.57 3.27 -8.49
N ILE A 557 -13.91 2.02 -8.14
CA ILE A 557 -13.36 1.39 -6.93
C ILE A 557 -11.85 1.13 -7.00
N PRO A 558 -11.25 0.63 -8.09
CA PRO A 558 -9.79 0.43 -8.07
C PRO A 558 -8.95 1.70 -8.19
N THR A 559 -9.52 2.90 -8.05
CA THR A 559 -8.74 4.12 -8.25
C THR A 559 -7.85 4.44 -7.04
N PHE A 560 -8.42 4.44 -5.84
CA PHE A 560 -7.68 4.78 -4.62
C PHE A 560 -6.52 3.84 -4.30
N PRO A 561 -6.65 2.48 -4.35
CA PRO A 561 -5.46 1.65 -4.13
C PRO A 561 -4.37 1.82 -5.19
N GLU A 562 -4.73 2.18 -6.43
CA GLU A 562 -3.71 2.40 -7.45
C GLU A 562 -2.92 3.68 -7.17
N ILE A 563 -3.59 4.73 -6.72
CA ILE A 563 -2.89 5.96 -6.32
C ILE A 563 -2.00 5.69 -5.11
N LEU A 564 -2.49 4.86 -4.17
CA LEU A 564 -1.68 4.48 -3.02
C LEU A 564 -0.45 3.68 -3.42
N SER A 565 -0.60 2.74 -4.36
CA SER A 565 0.52 1.92 -4.80
C SER A 565 1.54 2.74 -5.57
N CYS A 566 1.08 3.69 -6.39
CA CYS A 566 2.01 4.57 -7.08
C CYS A 566 2.73 5.51 -6.12
N ALA A 567 2.03 5.95 -5.07
CA ALA A 567 2.64 6.83 -4.07
C ALA A 567 3.71 6.09 -3.27
N HIS A 568 3.44 4.84 -2.89
CA HIS A 568 4.43 4.06 -2.18
C HIS A 568 5.55 3.57 -3.10
N GLU A 569 5.27 3.44 -4.39
CA GLU A 569 6.29 3.03 -5.34
C GLU A 569 7.24 4.18 -5.68
N ASN A 570 6.73 5.42 -5.68
CA ASN A 570 7.59 6.57 -5.96
C ASN A 570 8.62 6.77 -4.86
N GLY A 571 8.23 6.58 -3.61
CA GLY A 571 9.19 6.73 -2.53
C GLY A 571 8.70 7.61 -1.40
N PHE A 572 7.40 7.87 -1.36
CA PHE A 572 6.82 8.63 -0.25
C PHE A 572 6.86 7.80 1.02
N GLU A 573 7.16 8.46 2.14
CA GLU A 573 7.17 7.78 3.42
C GLU A 573 5.74 7.48 3.86
N GLU A 574 5.54 6.27 4.39
CA GLU A 574 4.22 5.86 4.85
C GLU A 574 3.84 6.61 6.13
N GLY A 575 2.56 6.59 6.43
CA GLY A 575 2.03 7.30 7.57
C GLY A 575 0.58 7.68 7.31
N LEU A 576 0.19 8.84 7.85
CA LEU A 576 -1.13 9.39 7.58
C LEU A 576 -1.10 10.56 6.60
N SER A 577 0.07 11.16 6.38
CA SER A 577 0.20 12.28 5.45
C SER A 577 -0.09 11.86 4.02
N THR A 578 0.47 10.72 3.60
CA THR A 578 0.25 10.24 2.24
C THR A 578 -1.20 9.78 2.03
N LEU A 579 -1.80 9.15 3.05
CA LEU A 579 -3.20 8.76 2.97
C LEU A 579 -4.11 9.96 2.86
N GLY A 580 -3.82 11.01 3.64
CA GLY A 580 -4.60 12.23 3.55
C GLY A 580 -4.48 12.92 2.20
N LEU A 581 -3.26 12.95 1.64
CA LEU A 581 -3.08 13.57 0.32
C LEU A 581 -3.80 12.80 -0.78
N VAL A 582 -3.75 11.46 -0.75
CA VAL A 582 -4.39 10.71 -1.82
C VAL A 582 -5.92 10.76 -1.68
N SER A 583 -6.44 10.79 -0.45
CA SER A 583 -7.89 10.95 -0.26
C SER A 583 -8.35 12.34 -0.69
N GLY A 584 -7.56 13.37 -0.39
CA GLY A 584 -7.89 14.71 -0.84
C GLY A 584 -7.85 14.85 -2.35
N LEU A 585 -6.92 14.14 -3.00
CA LEU A 585 -6.86 14.20 -4.46
C LEU A 585 -8.04 13.46 -5.09
N PHE A 586 -8.48 12.36 -4.48
CA PHE A 586 -9.67 11.65 -4.96
C PHE A 586 -10.92 12.53 -4.89
N SER A 587 -11.11 13.22 -3.75
CA SER A 587 -12.24 14.13 -3.63
C SER A 587 -12.11 15.33 -4.57
N ALA A 588 -10.87 15.79 -4.81
CA ALA A 588 -10.66 16.93 -5.69
C ALA A 588 -10.96 16.58 -7.15
N MET A 589 -10.62 15.36 -7.58
CA MET A 589 -10.88 14.99 -8.97
C MET A 589 -12.37 14.73 -9.20
N TRP A 590 -13.00 14.01 -8.24
CA TRP A 590 -14.46 13.89 -8.33
C TRP A 590 -15.11 15.27 -8.42
N SER A 591 -14.51 16.62 -7.58
CA SER A 591 -15.01 18.00 -7.60
C SER A 591 -14.84 18.65 -8.97
N ILE A 592 -13.66 18.51 -9.58
CA ILE A 592 -13.42 19.20 -10.85
C ILE A 592 -14.16 18.49 -11.99
N GLY A 593 -14.35 17.17 -11.89
CA GLY A 593 -15.21 16.48 -12.85
C GLY A 593 -16.65 16.92 -12.76
N ALA A 594 -17.17 17.09 -11.54
CA ALA A 594 -18.55 17.54 -11.38
C ALA A 594 -18.72 18.99 -11.79
N PHE A 595 -17.85 19.55 -11.66
CA PHE A 595 -17.97 20.89 -12.22
C PHE A 595 -18.04 20.83 -13.74
N MET A 596 -16.91 20.26 -14.44
CA MET A 596 -16.76 20.33 -15.89
C MET A 596 -17.92 19.67 -16.63
N GLY A 597 -18.56 18.67 -16.00
CA GLY A 597 -19.58 17.87 -16.66
C GLY A 597 -20.84 18.58 -17.13
N PRO A 598 -21.66 19.06 -16.19
CA PRO A 598 -22.96 19.66 -16.56
C PRO A 598 -22.87 20.92 -17.42
N THR A 599 -21.81 21.73 -17.28
CA THR A 599 -21.71 22.93 -18.10
C THR A 599 -21.44 22.57 -19.57
N LEU A 600 -20.58 21.59 -19.82
CA LEU A 600 -20.34 21.16 -21.19
C LEU A 600 -21.52 20.39 -21.74
N GLY A 601 -22.21 19.62 -20.88
CA GLY A 601 -23.39 18.90 -21.32
C GLY A 601 -24.53 19.80 -21.69
N GLY A 602 -24.80 20.82 -20.87
CA GLY A 602 -25.83 21.79 -21.19
C GLY A 602 -25.48 22.65 -22.38
N PHE A 603 -24.20 23.04 -22.51
CA PHE A 603 -23.75 23.80 -23.68
C PHE A 603 -23.92 23.00 -24.96
N LEU A 604 -23.57 21.71 -24.92
CA LEU A 604 -23.72 20.87 -26.11
C LEU A 604 -25.18 20.57 -26.39
N TYR A 605 -26.01 20.47 -25.34
CA TYR A 605 -27.44 20.23 -25.53
C TYR A 605 -28.13 21.43 -26.17
N GLU A 606 -27.77 22.65 -25.75
CA GLU A 606 -28.36 23.81 -26.40
C GLU A 606 -27.75 24.06 -27.78
N LYS A 607 -26.50 23.64 -28.00
CA LYS A 607 -25.85 23.93 -29.27
C LYS A 607 -26.25 22.95 -30.36
N ILE A 608 -25.98 21.66 -30.16
CA ILE A 608 -26.17 20.68 -31.22
C ILE A 608 -27.20 19.60 -30.90
N GLY A 609 -27.62 19.41 -29.65
CA GLY A 609 -28.59 18.39 -29.35
C GLY A 609 -28.02 17.26 -28.50
N PHE A 610 -28.90 16.48 -27.86
CA PHE A 610 -28.45 15.44 -26.94
C PHE A 610 -27.81 14.26 -27.67
N GLU A 611 -28.31 13.97 -28.88
CA GLU A 611 -27.89 12.79 -29.64
C GLU A 611 -26.41 12.82 -29.97
N TRP A 612 -25.89 13.97 -30.38
CA TRP A 612 -24.46 14.07 -30.62
C TRP A 612 -23.69 14.40 -29.35
N ALA A 613 -24.34 15.00 -28.35
CA ALA A 613 -23.65 15.35 -27.11
C ALA A 613 -23.22 14.10 -26.34
N ALA A 614 -24.09 13.08 -26.30
CA ALA A 614 -23.73 11.82 -25.68
C ALA A 614 -22.60 11.13 -26.43
N ALA A 615 -22.59 11.26 -27.76
CA ALA A 615 -21.53 10.66 -28.57
C ALA A 615 -20.19 11.34 -28.33
N ILE A 616 -20.17 12.67 -28.24
CA ILE A 616 -18.93 13.40 -27.97
C ILE A 616 -18.43 13.11 -26.56
N GLN A 617 -19.33 13.01 -25.59
CA GLN A 617 -18.93 12.67 -24.22
C GLN A 617 -18.36 11.25 -24.13
N GLY A 618 -19.00 10.29 -24.81
CA GLY A 618 -18.46 8.93 -24.83
C GLY A 618 -17.15 8.83 -25.58
N LEU A 619 -16.98 9.62 -26.64
CA LEU A 619 -15.71 9.64 -27.37
C LEU A 619 -14.60 10.23 -26.52
N TRP A 620 -15.04 11.27 -25.55
CA TRP A 620 -14.05 11.79 -24.61
C TRP A 620 -13.62 10.72 -23.61
N ALA A 621 -14.45 10.09 -23.20
CA ALA A 621 -14.11 9.00 -22.26
C ALA A 621 -13.29 7.91 -22.94
N LEU A 622 -13.57 7.64 -24.22
CA LEU A 622 -12.83 6.61 -24.95
C LEU A 622 -11.38 7.03 -25.19
N ILE A 623 -11.16 8.31 -25.53
CA ILE A 623 -9.78 8.76 -25.76
C ILE A 623 -9.04 8.86 -24.43
N SER A 624 -9.76 9.10 -23.33
CA SER A 624 -9.16 9.02 -21.99
C SER A 624 -8.67 7.60 -21.69
N GLY A 625 -9.52 6.62 -21.95
CA GLY A 625 -9.15 5.23 -21.72
C GLY A 625 -8.02 4.76 -22.62
N LEU A 626 -8.01 5.22 -23.87
CA LEU A 626 -6.92 4.83 -24.78
C LEU A 626 -5.60 5.46 -24.38
N ALA A 627 -5.62 6.70 -23.89
CA ALA A 627 -4.39 7.31 -23.39
C ALA A 627 -3.86 6.56 -22.16
N MET A 628 -4.76 6.13 -21.27
CA MET A 628 -4.38 5.32 -20.12
C MET A 628 -3.76 3.99 -20.57
N GLY A 629 -4.41 3.32 -21.53
CA GLY A 629 -3.91 2.05 -22.02
C GLY A 629 -2.59 2.17 -22.76
N LEU A 630 -2.38 3.31 -23.42
CA LEU A 630 -1.10 3.52 -24.11
C LEU A 630 0.02 3.79 -23.13
N PHE A 631 -0.26 4.49 -22.02
CA PHE A 631 0.76 4.66 -20.99
C PHE A 631 1.14 3.32 -20.36
N TYR A 632 0.15 2.48 -20.07
CA TYR A 632 0.43 1.12 -19.60
C TYR A 632 1.17 0.27 -20.62
N LEU A 633 0.83 0.40 -21.91
CA LEU A 633 1.50 -0.40 -22.92
C LEU A 633 2.92 0.08 -23.17
N LEU A 634 3.20 1.36 -22.90
CA LEU A 634 4.52 1.90 -23.22
C LEU A 634 5.47 1.76 -22.03
N GLU A 635 5.13 2.35 -20.89
CA GLU A 635 6.10 2.57 -19.82
C GLU A 635 5.98 1.59 -18.66
N TYR A 636 5.73 0.31 -18.92
CA TYR A 636 5.66 -0.65 -17.83
C TYR A 636 6.94 -1.47 -17.73
N SER A 637 7.48 -1.60 -16.52
CA SER A 637 8.67 -2.40 -16.21
C SER A 637 8.74 -2.68 -14.72
N GLN A 638 8.92 -3.95 -14.34
CA GLN A 638 8.98 -4.33 -12.93
C GLN A 638 9.77 -5.63 -12.82
N VAL A 639 10.58 -5.73 -11.77
CA VAL A 639 11.48 -6.87 -11.57
C VAL A 639 10.68 -8.15 -11.34
N GLN A 640 10.97 -9.17 -12.14
CA GLN A 640 10.28 -10.45 -12.06
C GLN A 640 11.19 -11.54 -12.63
N LEU A 641 11.14 -12.71 -12.03
CA LEU A 641 11.81 -13.90 -12.55
C LEU A 641 10.78 -15.00 -12.77
N VAL A 642 10.67 -15.47 -14.02
CA VAL A 642 9.75 -16.54 -14.36
C VAL A 642 10.59 -17.75 -14.78
N GLU A 643 10.07 -18.95 -14.54
CA GLU A 643 10.84 -20.17 -14.72
C GLU A 643 10.07 -21.18 -15.57
N SER A 644 10.83 -22.12 -16.14
CA SER A 644 10.24 -23.21 -16.91
C SER A 644 11.21 -24.38 -16.94
N GLY A 645 10.66 -25.58 -17.13
CA GLY A 645 11.47 -26.75 -17.39
C GLY A 645 11.29 -27.92 -16.46
N GLY A 646 10.15 -28.00 -15.77
CA GLY A 646 9.95 -29.06 -14.80
C GLY A 646 9.15 -30.23 -15.29
N ALA A 647 9.75 -31.43 -15.28
CA ALA A 647 9.07 -32.65 -15.69
C ALA A 647 9.71 -33.82 -14.96
N LEU A 648 9.33 -35.04 -15.35
CA LEU A 648 9.83 -36.26 -14.74
C LEU A 648 10.70 -37.02 -15.73
N VAL A 649 11.95 -37.28 -15.35
CA VAL A 649 12.94 -37.90 -16.22
C VAL A 649 13.59 -39.06 -15.45
N GLN A 650 13.77 -40.19 -16.13
CA GLN A 650 14.45 -41.34 -15.59
C GLN A 650 15.91 -41.00 -15.26
N PRO A 651 16.52 -41.69 -14.27
CA PRO A 651 17.90 -41.40 -13.89
C PRO A 651 18.90 -41.68 -15.02
N GLY A 652 19.95 -40.86 -15.06
CA GLY A 652 20.86 -40.83 -16.18
C GLY A 652 20.43 -39.93 -17.32
N GLY A 653 19.33 -39.19 -17.17
CA GLY A 653 18.83 -38.33 -18.23
C GLY A 653 19.49 -36.97 -18.25
N SER A 654 18.93 -36.08 -19.05
CA SER A 654 19.45 -34.73 -19.22
C SER A 654 18.30 -33.74 -19.30
N LEU A 655 18.47 -32.59 -18.66
CA LEU A 655 17.41 -31.59 -18.59
C LEU A 655 17.97 -30.20 -18.85
N ARG A 656 17.06 -29.26 -19.07
CA ARG A 656 17.35 -27.85 -19.19
C ARG A 656 16.26 -27.06 -18.45
N LEU A 657 16.69 -26.11 -17.63
CA LEU A 657 15.80 -25.24 -16.86
C LEU A 657 16.06 -23.79 -17.27
N SER A 658 14.98 -23.04 -17.49
CA SER A 658 15.06 -21.68 -18.01
C SER A 658 14.53 -20.68 -16.98
N CYS A 659 15.33 -19.65 -16.70
CA CYS A 659 14.93 -18.52 -15.86
C CYS A 659 14.98 -17.27 -16.72
N ALA A 660 13.81 -16.72 -17.02
CA ALA A 660 13.67 -15.51 -17.82
C ALA A 660 13.41 -14.33 -16.91
N ALA A 661 14.22 -13.29 -17.06
CA ALA A 661 14.12 -12.08 -16.26
C ALA A 661 13.20 -11.07 -16.93
N SER A 662 12.85 -10.04 -16.18
CA SER A 662 11.94 -9.02 -16.67
C SER A 662 12.57 -7.64 -16.76
N GLY A 663 13.11 -7.12 -15.65
CA GLY A 663 13.44 -5.72 -15.59
C GLY A 663 14.84 -5.33 -15.13
N PHE A 664 15.85 -6.09 -15.53
CA PHE A 664 17.24 -5.72 -15.24
C PHE A 664 18.13 -6.36 -16.28
N PRO A 665 19.29 -5.76 -16.59
CA PRO A 665 20.22 -6.41 -17.52
C PRO A 665 20.90 -7.61 -16.88
N VAL A 666 20.89 -8.73 -17.59
CA VAL A 666 21.54 -9.95 -17.11
C VAL A 666 23.06 -9.82 -17.11
N ASN A 667 23.63 -9.13 -18.08
CA ASN A 667 25.08 -9.01 -18.23
C ASN A 667 25.72 -8.08 -17.20
N ARG A 668 24.94 -7.36 -16.39
CA ARG A 668 25.46 -6.47 -15.37
C ARG A 668 25.23 -6.96 -13.94
N TYR A 669 24.54 -8.08 -13.73
CA TYR A 669 24.24 -8.58 -12.40
C TYR A 669 24.48 -10.09 -12.37
N SER A 670 24.83 -10.60 -11.18
CA SER A 670 25.09 -12.02 -11.04
C SER A 670 23.81 -12.80 -10.78
N MET A 671 23.89 -14.12 -10.95
CA MET A 671 22.73 -15.00 -10.91
C MET A 671 23.03 -16.18 -9.99
N ARG A 672 22.01 -16.64 -9.26
CA ARG A 672 22.16 -17.83 -8.42
C ARG A 672 21.02 -18.81 -8.66
N TRP A 673 21.30 -20.09 -8.41
CA TRP A 673 20.32 -21.16 -8.49
C TRP A 673 20.24 -21.89 -7.15
N TYR A 674 19.02 -22.03 -6.62
CA TYR A 674 18.78 -22.66 -5.33
C TYR A 674 17.85 -23.85 -5.48
N ARG A 675 17.84 -24.72 -4.47
CA ARG A 675 16.99 -25.91 -4.50
C ARG A 675 16.44 -26.20 -3.12
N GLN A 676 15.32 -26.93 -3.08
CA GLN A 676 14.69 -27.31 -1.83
C GLN A 676 14.06 -28.69 -1.95
N ALA A 677 14.32 -29.54 -0.97
CA ALA A 677 13.73 -30.85 -0.81
C ALA A 677 12.54 -30.78 0.15
N PRO A 678 11.57 -31.69 0.06
CA PRO A 678 10.48 -31.70 1.04
C PRO A 678 10.95 -32.05 2.44
N GLY A 679 10.45 -31.31 3.42
CA GLY A 679 10.88 -31.49 4.80
C GLY A 679 12.33 -31.13 5.04
N LYS A 680 12.84 -30.13 4.34
CA LYS A 680 14.25 -29.79 4.39
C LYS A 680 14.38 -28.32 4.00
N GLU A 681 15.48 -27.68 4.40
CA GLU A 681 15.73 -26.27 4.14
C GLU A 681 16.32 -26.08 2.75
N ARG A 682 16.42 -24.82 2.33
CA ARG A 682 16.94 -24.49 1.01
C ARG A 682 18.45 -24.68 0.95
N GLU A 683 18.93 -25.11 -0.22
CA GLU A 683 20.35 -25.36 -0.46
C GLU A 683 20.78 -24.67 -1.75
N TRP A 684 21.96 -24.06 -1.71
CA TRP A 684 22.53 -23.43 -2.90
C TRP A 684 23.12 -24.48 -3.84
N VAL A 685 22.97 -24.24 -5.14
CA VAL A 685 23.47 -25.17 -6.15
C VAL A 685 24.63 -24.54 -6.91
N ALA A 686 24.37 -23.46 -7.63
CA ALA A 686 25.34 -22.91 -8.55
C ALA A 686 25.18 -21.41 -8.70
N GLY A 687 26.24 -20.77 -9.16
CA GLY A 687 26.27 -19.32 -9.29
C GLY A 687 27.10 -18.84 -10.46
N MET A 688 26.62 -17.80 -11.12
CA MET A 688 27.23 -17.25 -12.33
C MET A 688 27.46 -15.76 -12.10
N SER A 689 28.69 -15.31 -12.31
CA SER A 689 29.12 -13.97 -11.89
C SER A 689 28.76 -12.94 -12.96
N SER A 690 29.34 -11.74 -12.86
CA SER A 690 29.01 -10.67 -13.79
C SER A 690 29.70 -10.85 -15.14
N ALA A 691 31.00 -11.12 -15.15
CA ALA A 691 31.77 -11.12 -16.38
C ALA A 691 31.51 -12.35 -17.24
N GLY A 692 30.94 -13.40 -16.68
CA GLY A 692 30.60 -14.58 -17.45
C GLY A 692 31.72 -15.57 -17.67
N ASP A 693 32.88 -15.36 -17.05
CA ASP A 693 33.99 -16.29 -17.17
C ASP A 693 34.14 -17.21 -15.96
N ARG A 694 33.60 -16.83 -14.81
CA ARG A 694 33.75 -17.59 -13.58
C ARG A 694 32.41 -18.18 -13.15
N SER A 695 32.45 -19.45 -12.75
CA SER A 695 31.27 -20.17 -12.27
C SER A 695 31.60 -20.81 -10.93
N SER A 696 30.56 -21.02 -10.11
CA SER A 696 30.78 -21.67 -8.82
C SER A 696 29.72 -22.75 -8.62
N TYR A 697 30.15 -23.88 -8.06
CA TYR A 697 29.30 -25.05 -7.89
C TYR A 697 29.51 -25.65 -6.50
N GLU A 698 28.53 -26.43 -6.07
CA GLU A 698 28.70 -27.32 -4.93
C GLU A 698 29.36 -28.62 -5.41
N ASP A 699 30.05 -29.30 -4.49
CA ASP A 699 30.70 -30.57 -4.85
C ASP A 699 29.70 -31.68 -5.18
N SER A 700 28.45 -31.56 -4.76
CA SER A 700 27.44 -32.52 -5.19
C SER A 700 26.89 -32.22 -6.58
N VAL A 701 27.23 -31.07 -7.16
CA VAL A 701 26.83 -30.74 -8.52
C VAL A 701 28.06 -30.39 -9.34
N LYS A 702 29.25 -30.70 -8.80
CA LYS A 702 30.51 -30.38 -9.46
C LYS A 702 30.79 -31.36 -10.59
N GLY A 703 31.03 -30.83 -11.80
CA GLY A 703 31.29 -31.62 -12.97
C GLY A 703 30.06 -32.20 -13.64
N ARG A 704 28.89 -32.03 -13.02
CA ARG A 704 27.63 -32.56 -13.53
C ARG A 704 26.70 -31.45 -14.00
N PHE A 705 26.39 -30.50 -13.12
CA PHE A 705 25.51 -29.40 -13.48
C PHE A 705 26.29 -28.40 -14.32
N THR A 706 25.64 -27.85 -15.33
CA THR A 706 26.22 -26.82 -16.18
C THR A 706 25.30 -25.61 -16.14
N ILE A 707 25.89 -24.43 -16.01
CA ILE A 707 25.14 -23.18 -16.04
C ILE A 707 25.54 -22.39 -17.27
N SER A 708 24.57 -21.67 -17.84
CA SER A 708 24.82 -20.85 -19.01
C SER A 708 23.88 -19.65 -18.99
N ARG A 709 24.23 -18.63 -19.77
CA ARG A 709 23.40 -17.45 -19.89
C ARG A 709 23.19 -17.15 -21.38
N ASP A 710 22.31 -16.18 -21.64
CA ASP A 710 22.13 -15.64 -22.97
C ASP A 710 21.59 -14.22 -22.77
N ASP A 711 22.44 -13.22 -23.03
CA ASP A 711 22.05 -11.84 -22.82
C ASP A 711 21.23 -11.29 -23.97
N ALA A 712 21.19 -11.99 -25.10
CA ALA A 712 20.40 -11.54 -26.25
C ALA A 712 18.91 -11.63 -25.95
N ARG A 713 18.48 -12.75 -25.37
CA ARG A 713 17.10 -12.95 -25.00
C ARG A 713 16.83 -12.67 -23.52
N ASN A 714 17.85 -12.22 -22.78
CA ASN A 714 17.80 -11.91 -21.34
C ASN A 714 17.31 -13.10 -20.53
N THR A 715 17.95 -14.25 -20.75
CA THR A 715 17.53 -15.49 -20.11
C THR A 715 18.77 -16.21 -19.61
N VAL A 716 18.62 -17.00 -18.53
CA VAL A 716 19.69 -17.88 -18.08
C VAL A 716 19.15 -19.30 -18.01
N TYR A 717 20.06 -20.26 -18.09
CA TYR A 717 19.68 -21.65 -18.22
C TYR A 717 20.61 -22.52 -17.39
N LEU A 718 20.09 -23.67 -16.96
CA LEU A 718 20.86 -24.67 -16.22
C LEU A 718 20.58 -26.03 -16.83
N GLN A 719 21.63 -26.70 -17.25
CA GLN A 719 21.55 -28.01 -17.90
C GLN A 719 22.08 -29.08 -16.96
N MET A 720 21.42 -30.24 -16.96
CA MET A 720 21.76 -31.34 -16.07
C MET A 720 21.97 -32.61 -16.88
N ASN A 721 22.95 -33.41 -16.46
CA ASN A 721 23.15 -34.76 -16.99
C ASN A 721 23.68 -35.65 -15.88
N SER A 722 23.61 -36.97 -16.13
CA SER A 722 24.00 -38.03 -15.19
C SER A 722 23.24 -37.91 -13.86
N LEU A 723 21.92 -38.09 -13.97
CA LEU A 723 20.99 -37.83 -12.87
C LEU A 723 21.11 -38.89 -11.78
N LYS A 724 20.64 -38.52 -10.59
CA LYS A 724 20.57 -39.38 -9.42
C LYS A 724 19.23 -39.14 -8.74
N PRO A 725 18.73 -40.09 -7.93
CA PRO A 725 17.50 -39.81 -7.15
C PRO A 725 17.68 -38.74 -6.06
N GLU A 726 18.90 -38.33 -5.76
CA GLU A 726 19.16 -37.25 -4.81
C GLU A 726 18.61 -35.91 -5.30
N ASP A 727 18.52 -35.71 -6.60
CA ASP A 727 18.20 -34.41 -7.19
C ASP A 727 16.72 -34.26 -7.51
N THR A 728 15.84 -34.80 -6.68
CA THR A 728 14.41 -34.56 -6.77
C THR A 728 14.09 -33.36 -5.88
N ALA A 729 13.80 -32.22 -6.49
CA ALA A 729 13.72 -30.99 -5.70
C ALA A 729 12.90 -29.94 -6.44
N VAL A 730 12.63 -28.84 -5.74
CA VAL A 730 12.06 -27.64 -6.35
C VAL A 730 13.19 -26.63 -6.51
N TYR A 731 13.32 -26.06 -7.71
CA TYR A 731 14.43 -25.21 -8.07
C TYR A 731 13.97 -23.76 -8.22
N TYR A 732 14.82 -22.84 -7.71
CA TYR A 732 14.55 -21.41 -7.65
C TYR A 732 15.68 -20.62 -8.28
N CYS A 733 15.36 -19.41 -8.71
CA CYS A 733 16.28 -18.50 -9.39
C CYS A 733 16.40 -17.22 -8.57
N ASN A 734 17.64 -16.75 -8.34
CA ASN A 734 17.87 -15.70 -7.34
C ASN A 734 18.71 -14.57 -7.92
N VAL A 735 18.25 -13.34 -7.67
CA VAL A 735 18.95 -12.10 -8.03
C VAL A 735 18.97 -11.18 -6.81
N ASN A 736 19.75 -10.10 -6.94
CA ASN A 736 19.71 -9.00 -5.97
C ASN A 736 20.03 -7.72 -6.71
N VAL A 737 19.05 -6.84 -6.83
CA VAL A 737 19.23 -5.57 -7.55
C VAL A 737 19.11 -4.43 -6.56
N GLY A 738 19.38 -4.71 -5.29
CA GLY A 738 19.21 -3.77 -4.20
C GLY A 738 18.35 -4.42 -3.15
N PHE A 739 17.30 -5.11 -3.60
CA PHE A 739 16.49 -6.00 -2.79
C PHE A 739 16.61 -7.41 -3.35
N GLU A 740 16.25 -8.39 -2.53
CA GLU A 740 16.34 -9.79 -2.95
C GLU A 740 15.00 -10.22 -3.53
N TYR A 741 15.03 -10.73 -4.76
CA TYR A 741 13.83 -11.15 -5.47
C TYR A 741 13.98 -12.62 -5.85
N TRP A 742 12.92 -13.39 -5.65
CA TRP A 742 12.91 -14.83 -5.90
C TRP A 742 11.95 -15.18 -7.04
N GLY A 743 11.79 -16.48 -7.27
CA GLY A 743 10.84 -16.97 -8.23
C GLY A 743 9.96 -18.02 -7.60
N GLN A 744 8.98 -18.50 -8.38
CA GLN A 744 7.99 -19.42 -7.84
C GLN A 744 8.48 -20.86 -7.76
N GLY A 745 9.57 -21.20 -8.44
CA GLY A 745 10.13 -22.53 -8.35
C GLY A 745 9.51 -23.48 -9.36
N THR A 746 10.29 -24.52 -9.71
CA THR A 746 9.80 -25.59 -10.57
C THR A 746 10.12 -26.94 -9.94
N GLN A 747 9.22 -27.91 -10.12
CA GLN A 747 9.35 -29.25 -9.57
C GLN A 747 10.09 -30.14 -10.56
N VAL A 748 11.18 -30.76 -10.11
CA VAL A 748 11.94 -31.69 -10.93
C VAL A 748 12.03 -32.99 -10.15
N THR A 749 11.43 -34.04 -10.70
CA THR A 749 11.34 -35.35 -10.07
C THR A 749 12.03 -36.37 -10.95
N VAL A 750 12.77 -37.29 -10.34
CA VAL A 750 13.39 -38.39 -11.05
C VAL A 750 13.01 -39.69 -10.33
N SER A 751 13.12 -40.81 -11.05
CA SER A 751 12.75 -42.10 -10.48
C SER A 751 13.98 -42.91 -10.09
C1 YHL B . -17.93 8.01 -3.91
C2 YHL B . -18.49 8.99 -4.94
C3 YHL B . -17.85 10.37 -4.88
C4 YHL B . -20.02 9.05 -5.04
C5 YHL B . -20.87 8.80 -3.77
C6 YHL B . -22.30 8.81 -4.22
C8 YHL B . -23.28 10.72 -6.20
C9 YHL B . -22.65 11.78 -6.66
C10 YHL B . -22.66 12.91 -5.68
C11 YHL B . -22.72 14.22 -6.18
C12 YHL B . -22.74 15.31 -5.29
C13 YHL B . -22.67 15.08 -3.87
C14 YHL B . -22.62 13.76 -3.39
C15 YHL B . -22.61 12.67 -4.27
C16 YHL B . -22.55 11.26 -3.72
C17 YHL B . -21.20 11.24 -2.96
C18 YHL B . -20.62 9.88 -2.69
C21 YHL B . -23.79 16.17 -2.12
C23 YHL B . -24.04 17.02 -6.22
N7 YHL B . -22.64 10.18 -4.80
O19 YHL B . -21.09 9.41 -1.43
O20 YHL B . -22.70 16.16 -3.00
O22 YHL B . -22.78 16.63 -5.77
#